data_1BOT
#
_entry.id   1BOT
#
_cell.length_a   168.800
_cell.length_b   168.800
_cell.length_c   202.700
_cell.angle_alpha   90.00
_cell.angle_beta   90.00
_cell.angle_gamma   90.00
#
_symmetry.space_group_name_H-M   'P 41 21 2'
#
loop_
_entity.id
_entity.type
_entity.pdbx_description
1 polymer 'PROTEIN (GLYCEROL KINASE)'
2 non-polymer '4-(2-HYDROXYETHYL)-1-PIPERAZINE ETHANESULFONIC ACID'
3 non-polymer GLYCEROL
#
_entity_poly.entity_id   1
_entity_poly.type   'polypeptide(L)'
_entity_poly.pdbx_seq_one_letter_code
;TEKKYIVALDQGTTSSRAVVMDHDANIISVSQREFEQIYPKPGWVEHDPMEIWATQSSTLVEVLAKADISSDQIAAIGIT
NQRETTIVWEKETGKPIYNAIVWQCRRTAEICEHLKRDGLEDYIRSNTGLVIDPYFSGTKVKWILDHVEGSRERARRGEL
LFGTVDTWLIWKMTQGRVHVTDYTNASRTMLFNIHTLDWDDKMLEVLDIPREMLPEVRRSSEVYGQTNIGGKGGTRIPIS
GIAGDQQAALFGQLCVKEGMAKNTYGTGCFMLMNTGEKAVKSENGLLTTIACGPTGEVNYALEGAVFMAGASIQWLRDEM
KLINDAYDSEYFATKVQNTNGVYVVPAFTGLGAPYWDPYARGAIFGLTRGVNANHIIRATLESIAYQTRDVLEAMQADSG
IRLHALRVDGGAVANNFLMQFQSDILGTRVERPEVREVTALGAAYLAGLAVGFWQNLDELQEKAVIEREFRPGIETTERN
YRYAGWKKAVKRAMAWEEHDE
;
_entity_poly.pdbx_strand_id   O,Z
#
loop_
_chem_comp.id
_chem_comp.type
_chem_comp.name
_chem_comp.formula
EPE non-polymer '4-(2-HYDROXYETHYL)-1-PIPERAZINE ETHANESULFONIC ACID' 'C8 H18 N2 O4 S'
GOL non-polymer GLYCEROL 'C3 H8 O3'
#
# COMPACT_ATOMS: atom_id res chain seq x y z
N LYS A 3 12.32 -47.13 -0.87
CA LYS A 3 12.23 -46.30 0.33
C LYS A 3 13.24 -45.17 0.30
N LYS A 4 12.94 -44.12 -0.49
CA LYS A 4 13.84 -42.99 -0.63
C LYS A 4 13.51 -41.70 0.14
N TYR A 5 12.48 -41.75 1.01
CA TYR A 5 12.22 -40.52 1.68
C TYR A 5 11.75 -40.51 3.06
N ILE A 6 12.39 -39.55 3.72
CA ILE A 6 12.07 -39.21 5.08
C ILE A 6 11.02 -38.12 5.05
N VAL A 7 10.08 -38.28 5.96
CA VAL A 7 9.04 -37.31 5.99
C VAL A 7 8.91 -36.76 7.39
N ALA A 8 8.81 -35.44 7.44
CA ALA A 8 8.76 -34.76 8.70
C ALA A 8 7.42 -34.12 9.00
N LEU A 9 6.92 -34.40 10.19
CA LEU A 9 5.69 -33.80 10.59
C LEU A 9 6.01 -32.65 11.51
N ASP A 10 5.76 -31.45 11.01
CA ASP A 10 6.06 -30.28 11.79
C ASP A 10 4.78 -29.56 12.29
N GLN A 11 4.42 -29.93 13.51
CA GLN A 11 3.27 -29.41 14.19
C GLN A 11 3.51 -28.11 14.91
N GLY A 12 3.34 -27.03 14.19
CA GLY A 12 3.56 -25.74 14.79
C GLY A 12 2.50 -25.29 15.78
N THR A 13 2.78 -24.16 16.35
CA THR A 13 1.90 -23.48 17.23
C THR A 13 0.74 -22.91 16.52
N THR A 14 1.06 -22.62 15.28
CA THR A 14 0.22 -21.91 14.38
C THR A 14 -0.22 -22.66 13.14
N SER A 15 0.56 -23.67 12.80
CA SER A 15 0.35 -24.43 11.61
C SER A 15 1.04 -25.74 11.64
N SER A 16 0.35 -26.62 10.99
CA SER A 16 0.79 -27.94 10.75
C SER A 16 1.55 -28.02 9.44
N ARG A 17 2.70 -28.65 9.49
CA ARG A 17 3.52 -28.75 8.31
C ARG A 17 3.95 -30.17 7.97
N ALA A 18 4.39 -30.31 6.73
CA ALA A 18 4.82 -31.60 6.28
C ALA A 18 5.94 -31.47 5.29
N VAL A 19 6.98 -32.25 5.50
CA VAL A 19 8.07 -32.16 4.62
C VAL A 19 8.60 -33.47 4.14
N VAL A 20 8.98 -33.42 2.88
CA VAL A 20 9.57 -34.51 2.21
C VAL A 20 11.00 -34.23 1.92
N MET A 21 11.84 -35.13 2.35
CA MET A 21 13.22 -34.94 2.10
C MET A 21 13.88 -36.24 1.69
N ASP A 22 14.81 -36.08 0.79
CA ASP A 22 15.53 -37.20 0.21
C ASP A 22 16.85 -37.58 0.91
N HIS A 23 17.46 -38.69 0.47
CA HIS A 23 18.71 -39.07 1.08
C HIS A 23 19.64 -37.89 1.14
N ASP A 24 19.55 -37.08 0.10
CA ASP A 24 20.37 -35.90 -0.01
C ASP A 24 19.90 -34.84 0.94
N ALA A 25 18.92 -35.21 1.71
CA ALA A 25 18.46 -34.29 2.69
C ALA A 25 18.03 -33.00 2.08
N ASN A 26 17.37 -33.14 0.95
CA ASN A 26 16.79 -32.01 0.29
C ASN A 26 15.32 -31.90 0.58
N ILE A 27 14.77 -30.67 0.52
CA ILE A 27 13.36 -30.68 0.74
C ILE A 27 12.73 -30.91 -0.56
N ILE A 28 12.03 -32.02 -0.68
CA ILE A 28 11.41 -32.37 -1.92
C ILE A 28 10.14 -31.64 -2.11
N SER A 29 9.29 -31.61 -1.06
CA SER A 29 8.01 -30.91 -1.05
C SER A 29 7.52 -30.61 0.38
N VAL A 30 6.75 -29.54 0.46
CA VAL A 30 6.19 -29.07 1.69
C VAL A 30 4.70 -28.86 1.65
N SER A 31 4.08 -28.91 2.78
CA SER A 31 2.67 -28.63 2.81
C SER A 31 2.37 -28.00 4.19
N GLN A 32 1.48 -26.97 4.17
CA GLN A 32 1.15 -26.21 5.37
C GLN A 32 -0.33 -25.96 5.49
N ARG A 33 -0.86 -26.19 6.69
CA ARG A 33 -2.26 -25.94 6.98
C ARG A 33 -2.35 -25.11 8.26
N GLU A 34 -3.10 -24.01 8.21
CA GLU A 34 -3.20 -23.21 9.41
C GLU A 34 -4.37 -23.75 10.21
N PHE A 35 -4.36 -23.50 11.51
CA PHE A 35 -5.43 -23.92 12.41
C PHE A 35 -5.76 -22.73 13.23
N GLU A 36 -6.91 -22.80 13.87
CA GLU A 36 -7.44 -21.69 14.61
C GLU A 36 -6.76 -21.48 15.92
N GLN A 37 -6.45 -20.21 16.14
CA GLN A 37 -5.86 -19.77 17.35
C GLN A 37 -6.96 -19.50 18.31
N ILE A 38 -7.15 -20.34 19.30
CA ILE A 38 -8.26 -20.08 20.16
C ILE A 38 -8.03 -19.34 21.44
N TYR A 39 -8.67 -18.15 21.51
CA TYR A 39 -8.53 -17.36 22.71
C TYR A 39 -9.78 -17.16 23.51
N PRO A 40 -10.15 -18.22 24.22
CA PRO A 40 -11.30 -18.26 25.10
C PRO A 40 -11.44 -16.97 25.90
N LYS A 41 -10.30 -16.33 26.12
CA LYS A 41 -10.25 -15.11 26.87
C LYS A 41 -8.81 -14.72 27.10
N PRO A 42 -8.65 -13.44 27.07
CA PRO A 42 -7.38 -12.79 27.27
C PRO A 42 -6.42 -13.54 28.16
N GLY A 43 -5.33 -13.98 27.57
CA GLY A 43 -4.36 -14.69 28.36
C GLY A 43 -4.60 -16.17 28.22
N TRP A 44 -5.63 -16.48 27.44
CA TRP A 44 -5.90 -17.85 27.18
C TRP A 44 -5.65 -18.22 25.75
N VAL A 45 -5.21 -19.43 25.59
CA VAL A 45 -4.95 -19.90 24.27
C VAL A 45 -5.19 -21.39 24.14
N GLU A 46 -6.14 -21.67 23.26
CA GLU A 46 -6.46 -23.02 23.07
C GLU A 46 -6.25 -23.37 21.66
N HIS A 47 -6.41 -24.66 21.42
CA HIS A 47 -6.26 -25.34 20.17
C HIS A 47 -7.20 -26.54 20.03
N ASP A 48 -7.73 -26.83 18.83
CA ASP A 48 -8.54 -28.02 18.78
C ASP A 48 -7.76 -29.23 18.31
N PRO A 49 -7.56 -30.15 19.27
CA PRO A 49 -6.85 -31.39 19.09
C PRO A 49 -7.12 -32.00 17.75
N MET A 50 -8.40 -31.99 17.44
CA MET A 50 -8.83 -32.50 16.16
C MET A 50 -8.27 -31.72 15.00
N GLU A 51 -8.37 -30.40 15.14
CA GLU A 51 -7.88 -29.48 14.13
C GLU A 51 -6.42 -29.78 13.94
N ILE A 52 -5.71 -29.86 15.06
CA ILE A 52 -4.30 -30.19 14.99
C ILE A 52 -4.15 -31.42 14.14
N TRP A 53 -4.56 -32.47 14.81
CA TRP A 53 -4.59 -33.74 14.19
C TRP A 53 -4.96 -33.65 12.70
N ALA A 54 -6.12 -33.06 12.43
CA ALA A 54 -6.61 -32.95 11.09
C ALA A 54 -5.65 -32.22 10.21
N THR A 55 -5.33 -31.03 10.59
CA THR A 55 -4.40 -30.32 9.76
C THR A 55 -3.12 -31.11 9.53
N GLN A 56 -2.65 -31.85 10.56
CA GLN A 56 -1.37 -32.56 10.39
C GLN A 56 -1.47 -33.81 9.53
N SER A 57 -2.50 -34.56 9.75
CA SER A 57 -2.66 -35.70 8.92
C SER A 57 -2.74 -35.30 7.45
N SER A 58 -3.71 -34.45 7.16
CA SER A 58 -3.98 -33.96 5.83
C SER A 58 -2.75 -33.48 5.09
N THR A 59 -1.92 -32.72 5.78
CA THR A 59 -0.77 -32.20 5.08
C THR A 59 0.15 -33.33 4.72
N LEU A 60 0.32 -34.14 5.74
CA LEU A 60 1.11 -35.32 5.55
C LEU A 60 0.74 -35.96 4.22
N VAL A 61 -0.52 -36.13 4.03
CA VAL A 61 -0.93 -36.64 2.77
C VAL A 61 -0.58 -35.72 1.60
N GLU A 62 -1.05 -34.47 1.71
CA GLU A 62 -0.81 -33.56 0.66
C GLU A 62 0.64 -33.66 0.18
N VAL A 63 1.59 -33.45 1.07
CA VAL A 63 2.95 -33.49 0.60
C VAL A 63 3.22 -34.62 -0.31
N LEU A 64 2.90 -35.80 0.12
CA LEU A 64 3.15 -36.97 -0.74
C LEU A 64 2.41 -36.81 -2.04
N ALA A 65 1.14 -36.58 -1.86
CA ALA A 65 0.24 -36.35 -2.94
C ALA A 65 0.84 -35.60 -4.07
N LYS A 66 1.15 -34.39 -3.70
CA LYS A 66 1.65 -33.41 -4.62
C LYS A 66 2.84 -33.90 -5.38
N ALA A 67 3.66 -34.71 -4.72
CA ALA A 67 4.91 -35.15 -5.33
C ALA A 67 4.93 -36.55 -5.88
N ASP A 68 3.76 -37.07 -6.20
CA ASP A 68 3.67 -38.41 -6.72
C ASP A 68 4.35 -39.40 -5.82
N ILE A 69 4.60 -39.01 -4.61
CA ILE A 69 5.23 -39.99 -3.79
C ILE A 69 4.20 -40.84 -3.10
N SER A 70 4.58 -42.09 -3.05
CA SER A 70 3.79 -43.15 -2.53
C SER A 70 4.28 -43.57 -1.17
N SER A 71 3.30 -43.88 -0.32
CA SER A 71 3.57 -44.32 1.03
C SER A 71 4.87 -45.14 1.09
N ASP A 72 4.89 -46.18 0.30
CA ASP A 72 6.01 -47.06 0.26
C ASP A 72 7.33 -46.44 -0.18
N GLN A 73 7.51 -45.13 -0.21
CA GLN A 73 8.86 -44.66 -0.51
C GLN A 73 9.30 -43.91 0.70
N ILE A 74 8.35 -43.90 1.62
CA ILE A 74 8.61 -43.24 2.84
C ILE A 74 9.31 -44.14 3.76
N ALA A 75 10.61 -43.90 3.70
CA ALA A 75 11.55 -44.54 4.52
C ALA A 75 11.05 -44.53 5.95
N ALA A 76 10.59 -43.35 6.44
CA ALA A 76 10.06 -43.16 7.78
C ALA A 76 9.57 -41.76 8.05
N ILE A 77 9.00 -41.63 9.23
CA ILE A 77 8.42 -40.39 9.66
C ILE A 77 8.92 -39.82 10.95
N GLY A 78 9.27 -38.54 10.87
CA GLY A 78 9.79 -37.79 12.01
C GLY A 78 8.69 -36.89 12.54
N ILE A 79 8.73 -36.66 13.83
CA ILE A 79 7.70 -35.84 14.41
C ILE A 79 8.27 -34.75 15.27
N THR A 80 7.90 -33.52 14.95
CA THR A 80 8.33 -32.41 15.80
C THR A 80 7.11 -31.51 16.13
N ASN A 81 7.11 -30.95 17.31
CA ASN A 81 5.95 -30.24 17.67
C ASN A 81 6.17 -29.04 18.52
N GLN A 82 5.04 -28.35 18.72
CA GLN A 82 4.99 -27.21 19.54
C GLN A 82 5.12 -27.83 20.92
N ARG A 83 5.94 -27.22 21.69
CA ARG A 83 6.50 -27.84 22.87
C ARG A 83 5.70 -27.96 24.18
N GLU A 84 4.69 -27.24 24.55
CA GLU A 84 4.23 -27.59 25.91
C GLU A 84 2.76 -27.89 26.06
N THR A 85 2.05 -27.46 25.04
CA THR A 85 0.63 -27.55 25.06
C THR A 85 0.23 -28.95 25.40
N THR A 86 -0.77 -28.99 26.27
CA THR A 86 -1.26 -30.17 26.90
C THR A 86 -2.54 -30.70 26.34
N ILE A 87 -2.67 -32.01 26.38
CA ILE A 87 -3.87 -32.69 25.90
C ILE A 87 -4.38 -33.83 26.77
N VAL A 88 -5.69 -33.96 26.86
CA VAL A 88 -6.20 -35.02 27.67
C VAL A 88 -7.37 -35.68 27.03
N TRP A 89 -7.28 -36.96 26.79
CA TRP A 89 -8.42 -37.53 26.14
C TRP A 89 -8.73 -38.94 26.50
N GLU A 90 -10.00 -39.28 26.27
CA GLU A 90 -10.56 -40.58 26.54
C GLU A 90 -9.84 -41.67 25.82
N LYS A 91 -9.35 -42.62 26.62
CA LYS A 91 -8.59 -43.72 26.08
C LYS A 91 -9.35 -44.48 25.07
N GLU A 92 -10.50 -44.86 25.50
CA GLU A 92 -11.34 -45.68 24.69
C GLU A 92 -11.63 -45.01 23.35
N THR A 93 -12.19 -43.82 23.47
CA THR A 93 -12.61 -42.98 22.36
C THR A 93 -11.53 -42.20 21.66
N GLY A 94 -10.54 -41.73 22.47
CA GLY A 94 -9.48 -40.85 22.00
C GLY A 94 -10.09 -39.46 21.86
N LYS A 95 -11.23 -39.28 22.51
CA LYS A 95 -11.89 -38.03 22.34
C LYS A 95 -11.49 -37.18 23.48
N PRO A 96 -10.95 -35.99 23.20
CA PRO A 96 -10.44 -35.12 24.25
C PRO A 96 -11.47 -34.74 25.26
N ILE A 97 -11.05 -34.76 26.49
CA ILE A 97 -11.95 -34.33 27.53
C ILE A 97 -11.99 -32.82 27.52
N TYR A 98 -11.09 -32.26 26.73
CA TYR A 98 -10.94 -30.83 26.67
C TYR A 98 -9.84 -30.34 25.75
N ASN A 99 -10.21 -29.26 25.11
CA ASN A 99 -9.35 -28.50 24.26
C ASN A 99 -7.87 -28.52 24.56
N ALA A 100 -7.09 -28.26 23.57
CA ALA A 100 -5.72 -28.18 23.93
C ALA A 100 -5.47 -26.87 24.54
N ILE A 101 -4.81 -26.94 25.68
CA ILE A 101 -4.34 -25.82 26.42
C ILE A 101 -2.93 -25.57 25.96
N VAL A 102 -2.75 -24.64 25.02
CA VAL A 102 -1.42 -24.44 24.46
C VAL A 102 -0.41 -23.84 25.43
N TRP A 103 0.86 -23.89 25.04
CA TRP A 103 1.91 -23.41 25.91
C TRP A 103 1.75 -21.99 26.44
N GLN A 104 1.50 -21.01 25.58
CA GLN A 104 1.38 -19.65 26.06
C GLN A 104 0.25 -19.37 27.06
N CYS A 105 -0.82 -20.18 27.04
CA CYS A 105 -1.97 -19.94 27.91
C CYS A 105 -1.61 -19.79 29.36
N ARG A 106 -2.00 -18.64 29.89
CA ARG A 106 -1.71 -18.24 31.24
C ARG A 106 -2.71 -18.64 32.27
N ARG A 107 -3.53 -19.59 31.97
CA ARG A 107 -4.55 -19.78 32.95
C ARG A 107 -3.98 -20.37 34.28
N THR A 108 -3.08 -21.33 34.22
CA THR A 108 -2.53 -21.95 35.43
C THR A 108 -2.12 -20.91 36.45
N ALA A 109 -1.17 -20.06 36.07
CA ALA A 109 -0.75 -18.95 36.90
C ALA A 109 -0.90 -19.18 38.38
N GLU A 110 -2.15 -18.99 38.82
CA GLU A 110 -2.55 -19.18 40.20
C GLU A 110 -1.80 -20.30 40.86
N ILE A 111 -2.22 -21.46 40.45
CA ILE A 111 -1.53 -22.66 40.83
C ILE A 111 -0.06 -22.37 40.92
N CYS A 112 0.53 -21.99 39.79
CA CYS A 112 1.94 -21.69 39.87
C CYS A 112 2.26 -20.98 41.18
N GLU A 113 1.39 -20.05 41.59
CA GLU A 113 1.63 -19.36 42.84
C GLU A 113 1.62 -20.35 43.97
N HIS A 114 0.63 -21.17 44.01
CA HIS A 114 0.65 -22.16 45.04
C HIS A 114 2.00 -22.82 45.02
N LEU A 115 2.36 -23.47 43.93
CA LEU A 115 3.69 -24.06 43.98
C LEU A 115 4.60 -23.05 44.63
N LYS A 116 4.75 -21.89 44.01
CA LYS A 116 5.53 -20.80 44.56
C LYS A 116 5.57 -20.87 46.07
N ARG A 117 4.43 -20.51 46.59
CA ARG A 117 4.13 -20.47 47.99
C ARG A 117 4.55 -21.74 48.75
N ASP A 118 4.26 -22.93 48.24
CA ASP A 118 4.62 -24.14 48.95
C ASP A 118 6.11 -24.37 48.94
N GLY A 119 6.82 -23.49 48.24
CA GLY A 119 8.28 -23.48 48.15
C GLY A 119 9.00 -24.45 47.22
N LEU A 120 8.40 -24.84 46.12
CA LEU A 120 9.16 -25.78 45.33
C LEU A 120 10.07 -25.13 44.35
N GLU A 121 10.08 -23.81 44.36
CA GLU A 121 10.98 -23.22 43.42
C GLU A 121 12.04 -24.23 43.04
N ASP A 122 12.87 -24.47 44.00
CA ASP A 122 14.02 -25.35 43.92
C ASP A 122 13.69 -26.77 43.48
N TYR A 123 13.07 -27.58 44.34
CA TYR A 123 12.79 -28.90 43.85
C TYR A 123 12.61 -28.85 42.34
N ILE A 124 11.50 -28.22 41.92
CA ILE A 124 11.16 -28.07 40.53
C ILE A 124 12.31 -27.78 39.64
N ARG A 125 12.91 -26.69 39.97
CA ARG A 125 14.02 -26.25 39.20
C ARG A 125 15.13 -27.25 39.16
N SER A 126 15.36 -27.83 40.31
CA SER A 126 16.46 -28.74 40.42
C SER A 126 16.18 -30.13 39.88
N ASN A 127 14.92 -30.45 39.63
CA ASN A 127 14.66 -31.74 39.07
C ASN A 127 14.12 -31.64 37.67
N THR A 128 13.51 -30.51 37.36
CA THR A 128 12.93 -30.37 36.05
C THR A 128 13.76 -29.43 35.25
N GLY A 129 14.46 -28.52 35.89
CA GLY A 129 15.29 -27.58 35.15
C GLY A 129 14.46 -26.35 34.82
N LEU A 130 13.21 -26.52 35.15
CA LEU A 130 12.17 -25.57 34.91
C LEU A 130 11.98 -24.46 35.93
N VAL A 131 11.39 -23.38 35.44
CA VAL A 131 11.08 -22.29 36.29
C VAL A 131 9.62 -22.45 36.59
N ILE A 132 9.10 -21.84 37.65
CA ILE A 132 7.66 -22.03 37.90
C ILE A 132 6.75 -21.23 36.93
N ASP A 133 6.01 -21.91 36.07
CA ASP A 133 5.23 -21.13 35.20
C ASP A 133 4.04 -21.82 34.56
N PRO A 134 3.18 -20.92 34.15
CA PRO A 134 1.99 -21.28 33.46
C PRO A 134 2.31 -21.88 32.13
N TYR A 135 3.57 -21.68 31.74
CA TYR A 135 4.16 -22.17 30.51
C TYR A 135 4.08 -23.66 30.34
N PHE A 136 4.28 -24.36 31.46
CA PHE A 136 4.46 -25.80 31.47
C PHE A 136 3.26 -26.68 31.78
N SER A 137 3.27 -27.80 31.08
CA SER A 137 2.23 -28.79 31.07
C SER A 137 1.65 -29.11 32.42
N GLY A 138 2.50 -29.46 33.37
CA GLY A 138 2.04 -29.82 34.71
C GLY A 138 0.73 -29.13 35.05
N THR A 139 0.92 -27.86 35.39
CA THR A 139 -0.19 -27.00 35.74
C THR A 139 -1.45 -27.32 34.91
N LYS A 140 -1.30 -27.14 33.58
CA LYS A 140 -2.33 -27.39 32.57
C LYS A 140 -3.18 -28.63 32.91
N VAL A 141 -2.53 -29.79 32.81
CA VAL A 141 -3.10 -31.06 33.19
C VAL A 141 -4.05 -30.98 34.33
N LYS A 142 -3.41 -30.59 35.44
CA LYS A 142 -4.12 -30.42 36.67
C LYS A 142 -5.35 -29.64 36.34
N TRP A 143 -5.13 -28.38 36.09
CA TRP A 143 -6.24 -27.56 35.74
C TRP A 143 -7.33 -28.38 35.08
N ILE A 144 -6.99 -29.09 34.04
CA ILE A 144 -8.01 -29.84 33.33
C ILE A 144 -8.81 -30.70 34.25
N LEU A 145 -8.07 -31.66 34.76
CA LEU A 145 -8.57 -32.56 35.74
C LEU A 145 -9.55 -31.89 36.63
N ASP A 146 -9.00 -30.89 37.30
CA ASP A 146 -9.81 -30.19 38.21
C ASP A 146 -11.04 -29.78 37.50
N HIS A 147 -10.87 -28.91 36.53
CA HIS A 147 -11.95 -28.40 35.75
C HIS A 147 -12.99 -29.44 35.34
N VAL A 148 -12.51 -30.47 34.70
CA VAL A 148 -13.39 -31.52 34.24
C VAL A 148 -13.71 -32.55 35.29
N GLU A 149 -14.96 -32.53 35.75
CA GLU A 149 -15.51 -33.41 36.78
C GLU A 149 -14.80 -34.76 37.13
N GLY A 150 -15.36 -35.87 36.57
CA GLY A 150 -14.92 -37.24 36.85
C GLY A 150 -13.42 -37.50 36.75
N SER A 151 -12.84 -36.85 35.75
CA SER A 151 -11.43 -36.86 35.40
C SER A 151 -10.53 -37.72 36.29
N ARG A 152 -9.95 -37.07 37.32
CA ARG A 152 -9.01 -37.70 38.22
C ARG A 152 -9.31 -39.15 38.36
N GLU A 153 -10.49 -39.42 38.91
CA GLU A 153 -10.92 -40.78 39.12
C GLU A 153 -10.86 -41.55 37.82
N ARG A 154 -11.48 -41.04 36.77
CA ARG A 154 -11.35 -41.77 35.54
C ARG A 154 -9.90 -41.88 35.10
N ALA A 155 -9.11 -40.85 35.43
CA ALA A 155 -7.70 -40.83 35.06
C ALA A 155 -6.92 -41.89 35.79
N ARG A 156 -7.43 -42.17 36.99
CA ARG A 156 -6.93 -43.17 37.93
C ARG A 156 -7.10 -44.54 37.36
N ARG A 157 -8.20 -44.71 36.62
CA ARG A 157 -8.41 -45.94 35.92
C ARG A 157 -7.87 -45.76 34.49
N GLY A 158 -7.03 -44.75 34.37
CA GLY A 158 -6.44 -44.43 33.13
C GLY A 158 -7.43 -44.70 32.01
N GLU A 159 -8.70 -44.27 32.21
CA GLU A 159 -9.62 -44.39 31.11
C GLU A 159 -9.38 -43.16 30.24
N LEU A 160 -8.58 -42.28 30.91
CA LEU A 160 -8.07 -40.97 30.53
C LEU A 160 -6.56 -40.87 30.37
N LEU A 161 -6.20 -40.30 29.20
CA LEU A 161 -4.83 -40.10 28.75
C LEU A 161 -4.27 -38.70 28.64
N PHE A 162 -2.96 -38.68 28.82
CA PHE A 162 -2.20 -37.46 28.80
C PHE A 162 -1.27 -37.33 27.66
N GLY A 163 -1.12 -36.13 27.16
CA GLY A 163 -0.16 -36.03 26.10
C GLY A 163 0.16 -34.65 25.61
N THR A 164 1.38 -34.55 25.06
CA THR A 164 1.79 -33.36 24.41
C THR A 164 1.55 -33.62 22.95
N VAL A 165 1.97 -32.72 22.10
CA VAL A 165 1.59 -32.91 20.74
C VAL A 165 2.22 -34.11 20.08
N ASP A 166 3.51 -34.32 20.27
CA ASP A 166 4.13 -35.46 19.61
C ASP A 166 3.31 -36.71 19.91
N THR A 167 3.05 -36.84 21.20
CA THR A 167 2.24 -37.89 21.75
C THR A 167 0.96 -38.13 20.95
N TRP A 168 0.05 -37.17 21.12
CA TRP A 168 -1.25 -37.13 20.50
C TRP A 168 -1.17 -37.52 19.04
N LEU A 169 -0.28 -36.89 18.34
CA LEU A 169 -0.12 -37.24 16.95
C LEU A 169 0.01 -38.73 16.75
N ILE A 170 1.09 -39.20 17.34
CA ILE A 170 1.42 -40.58 17.31
C ILE A 170 0.24 -41.39 17.67
N TRP A 171 -0.22 -41.13 18.84
CA TRP A 171 -1.32 -41.89 19.27
C TRP A 171 -2.25 -42.17 18.15
N LYS A 172 -2.62 -41.07 17.50
CA LYS A 172 -3.56 -41.06 16.40
C LYS A 172 -3.08 -41.81 15.19
N MET A 173 -1.81 -41.61 14.84
CA MET A 173 -1.25 -42.29 13.69
C MET A 173 -1.23 -43.79 13.89
N THR A 174 -1.23 -44.20 15.15
CA THR A 174 -1.17 -45.62 15.36
C THR A 174 -2.51 -46.19 15.77
N GLN A 175 -3.45 -45.34 15.94
CA GLN A 175 -4.74 -45.82 16.30
C GLN A 175 -4.81 -46.41 17.67
N GLY A 176 -4.23 -45.67 18.57
CA GLY A 176 -4.26 -46.06 19.95
C GLY A 176 -3.12 -46.97 20.17
N ARG A 177 -2.78 -47.70 19.15
CA ARG A 177 -1.69 -48.60 19.35
C ARG A 177 -0.62 -48.00 20.28
N VAL A 178 0.08 -46.90 19.91
CA VAL A 178 1.08 -46.41 20.85
C VAL A 178 0.93 -45.02 21.46
N HIS A 179 1.21 -44.98 22.77
CA HIS A 179 1.17 -43.79 23.63
C HIS A 179 2.60 -43.49 24.12
N VAL A 180 3.23 -42.57 23.45
CA VAL A 180 4.59 -42.32 23.86
C VAL A 180 4.99 -40.90 23.65
N THR A 181 6.05 -40.52 24.35
CA THR A 181 6.68 -39.25 24.15
C THR A 181 8.13 -39.52 24.10
N ASP A 182 8.91 -38.47 23.87
CA ASP A 182 10.35 -38.53 23.88
C ASP A 182 10.85 -37.67 25.02
N TYR A 183 12.10 -37.80 25.30
CA TYR A 183 12.65 -37.02 26.36
C TYR A 183 12.50 -35.51 26.23
N THR A 184 12.91 -34.98 25.08
CA THR A 184 12.76 -33.56 24.90
C THR A 184 11.39 -33.14 25.35
N ASN A 185 10.40 -33.66 24.67
CA ASN A 185 9.09 -33.30 25.07
C ASN A 185 8.89 -33.50 26.58
N ALA A 186 8.95 -34.73 27.10
CA ALA A 186 8.82 -34.96 28.54
C ALA A 186 9.48 -33.94 29.49
N SER A 187 10.66 -33.47 29.13
CA SER A 187 11.38 -32.53 29.96
C SER A 187 10.64 -31.26 30.34
N ARG A 188 9.56 -30.98 29.57
CA ARG A 188 8.78 -29.75 29.71
C ARG A 188 7.46 -29.83 30.38
N THR A 189 7.11 -31.01 30.73
CA THR A 189 5.85 -31.21 31.38
C THR A 189 5.90 -30.54 32.75
N MET A 190 7.11 -30.63 33.35
CA MET A 190 7.41 -30.19 34.70
C MET A 190 6.89 -31.21 35.70
N LEU A 191 6.80 -32.43 35.17
CA LEU A 191 6.46 -33.67 35.81
C LEU A 191 7.49 -34.69 35.44
N PHE A 192 8.64 -34.22 35.09
CA PHE A 192 9.58 -35.21 34.66
C PHE A 192 10.97 -34.75 34.93
N ASN A 193 11.58 -35.64 35.69
CA ASN A 193 12.91 -35.54 36.14
C ASN A 193 13.83 -35.59 34.97
N ILE A 194 14.60 -34.56 34.83
CA ILE A 194 15.48 -34.58 33.72
C ILE A 194 16.80 -35.18 34.13
N HIS A 195 16.86 -35.75 35.31
CA HIS A 195 18.11 -36.37 35.78
C HIS A 195 17.99 -37.86 35.82
N THR A 196 17.01 -38.20 36.58
CA THR A 196 16.56 -39.50 36.78
C THR A 196 16.09 -40.03 35.46
N LEU A 197 15.38 -39.20 34.77
CA LEU A 197 14.81 -39.51 33.49
C LEU A 197 13.54 -40.32 33.63
N ASP A 198 12.74 -39.91 34.58
CA ASP A 198 11.47 -40.55 34.76
C ASP A 198 10.45 -39.54 35.22
N TRP A 199 9.18 -39.96 35.15
CA TRP A 199 8.09 -39.21 35.67
C TRP A 199 8.41 -38.86 37.09
N ASP A 200 8.30 -37.61 37.50
CA ASP A 200 8.71 -37.30 38.86
C ASP A 200 7.63 -37.46 39.91
N ASP A 201 7.73 -38.57 40.57
CA ASP A 201 6.81 -38.90 41.62
C ASP A 201 6.37 -37.72 42.44
N LYS A 202 7.35 -37.11 43.13
CA LYS A 202 7.00 -35.95 43.93
C LYS A 202 6.04 -35.07 43.18
N MET A 203 6.43 -34.85 41.93
CA MET A 203 5.68 -34.01 41.07
C MET A 203 4.28 -34.46 40.96
N LEU A 204 4.11 -35.60 40.33
CA LEU A 204 2.76 -36.03 40.14
C LEU A 204 2.01 -35.90 41.43
N GLU A 205 2.68 -36.36 42.46
CA GLU A 205 2.15 -36.24 43.79
C GLU A 205 1.47 -34.87 43.89
N VAL A 206 2.32 -33.83 43.84
CA VAL A 206 1.97 -32.41 43.95
C VAL A 206 0.81 -31.88 43.15
N LEU A 207 0.92 -32.00 41.83
CA LEU A 207 -0.10 -31.58 40.92
C LEU A 207 -1.24 -32.55 41.00
N ASP A 208 -0.91 -33.70 41.56
CA ASP A 208 -1.87 -34.74 41.74
C ASP A 208 -2.36 -35.16 40.38
N ILE A 209 -1.47 -35.90 39.74
CA ILE A 209 -1.71 -36.39 38.42
C ILE A 209 -1.44 -37.90 38.34
N PRO A 210 -2.47 -38.69 37.94
CA PRO A 210 -2.33 -40.12 37.83
C PRO A 210 -1.23 -40.57 36.93
N ARG A 211 -0.32 -41.34 37.53
CA ARG A 211 0.75 -41.90 36.76
C ARG A 211 0.19 -42.58 35.51
N GLU A 212 -1.03 -43.04 35.67
CA GLU A 212 -1.78 -43.74 34.71
C GLU A 212 -1.99 -43.07 33.37
N MET A 213 -1.99 -41.75 33.35
CA MET A 213 -2.25 -41.09 32.09
C MET A 213 -1.00 -40.74 31.31
N LEU A 214 0.15 -40.80 31.97
CA LEU A 214 1.34 -40.40 31.27
C LEU A 214 1.85 -41.51 30.41
N PRO A 215 2.52 -41.14 29.34
CA PRO A 215 3.06 -42.04 28.37
C PRO A 215 4.47 -42.47 28.67
N GLU A 216 4.92 -43.38 27.83
CA GLU A 216 6.23 -43.85 27.97
C GLU A 216 7.21 -42.86 27.36
N VAL A 217 8.18 -42.45 28.13
CA VAL A 217 9.16 -41.54 27.59
C VAL A 217 10.15 -42.39 26.83
N ARG A 218 10.64 -41.91 25.68
CA ARG A 218 11.59 -42.64 24.84
C ARG A 218 12.59 -41.73 24.20
N ARG A 219 13.49 -42.29 23.42
CA ARG A 219 14.46 -41.42 22.81
C ARG A 219 14.07 -40.98 21.45
N SER A 220 14.45 -39.75 21.26
CA SER A 220 14.18 -38.87 20.15
C SER A 220 14.34 -39.55 18.83
N SER A 221 15.26 -40.47 18.77
CA SER A 221 15.41 -41.20 17.52
C SER A 221 15.40 -42.66 17.92
N GLU A 222 14.49 -43.40 17.31
CA GLU A 222 14.18 -44.75 17.66
C GLU A 222 12.87 -45.14 16.99
N VAL A 223 12.53 -46.41 16.88
CA VAL A 223 11.23 -46.67 16.28
C VAL A 223 10.18 -46.92 17.32
N TYR A 224 9.12 -46.15 17.23
CA TYR A 224 8.16 -46.25 18.24
C TYR A 224 6.98 -46.95 17.67
N GLY A 225 6.97 -47.02 16.32
CA GLY A 225 5.87 -47.73 15.64
C GLY A 225 5.64 -47.39 14.17
N GLN A 226 4.36 -47.52 13.75
CA GLN A 226 4.07 -47.15 12.37
C GLN A 226 2.62 -46.82 12.07
N THR A 227 2.43 -46.10 10.93
CA THR A 227 1.17 -45.61 10.36
C THR A 227 0.74 -46.28 9.08
N ASN A 228 -0.59 -46.44 8.94
CA ASN A 228 -1.17 -46.90 7.68
C ASN A 228 -1.85 -45.76 6.97
N ILE A 229 -1.27 -45.34 5.86
CA ILE A 229 -1.92 -44.23 5.20
C ILE A 229 -2.29 -44.59 3.80
N GLY A 230 -2.89 -45.76 3.72
CA GLY A 230 -3.33 -46.28 2.47
C GLY A 230 -2.16 -46.43 1.54
N GLY A 231 -2.52 -46.45 0.28
CA GLY A 231 -1.57 -46.65 -0.77
C GLY A 231 -1.50 -48.14 -0.95
N LYS A 232 -0.31 -48.66 -1.24
CA LYS A 232 -0.22 -50.09 -1.38
C LYS A 232 -0.65 -50.81 -0.13
N GLY A 233 -1.39 -51.90 -0.31
CA GLY A 233 -1.92 -52.70 0.79
C GLY A 233 -0.87 -53.14 1.78
N GLY A 234 -1.29 -53.18 3.06
CA GLY A 234 -0.40 -53.61 4.14
C GLY A 234 1.02 -53.04 4.06
N THR A 235 1.08 -51.76 3.67
CA THR A 235 2.30 -51.01 3.51
C THR A 235 2.32 -49.99 4.63
N ARG A 236 3.28 -50.11 5.55
CA ARG A 236 3.32 -49.20 6.69
C ARG A 236 4.49 -48.24 6.73
N ILE A 237 4.38 -47.20 7.57
CA ILE A 237 5.48 -46.27 7.70
C ILE A 237 5.90 -46.14 9.14
N PRO A 238 7.14 -46.39 9.33
CA PRO A 238 7.73 -46.30 10.59
C PRO A 238 7.82 -44.88 11.06
N ILE A 239 7.62 -44.77 12.34
CA ILE A 239 7.74 -43.52 12.99
C ILE A 239 8.99 -43.64 13.89
N SER A 240 9.98 -42.75 13.69
CA SER A 240 11.20 -42.86 14.44
C SER A 240 11.96 -41.61 14.80
N GLY A 241 11.27 -40.53 14.99
CA GLY A 241 11.95 -39.32 15.38
C GLY A 241 10.97 -38.53 16.20
N ILE A 242 11.45 -37.89 17.24
CA ILE A 242 10.62 -37.10 18.11
C ILE A 242 11.28 -36.03 18.93
N ALA A 243 11.11 -34.81 18.53
CA ALA A 243 11.67 -33.83 19.39
C ALA A 243 10.85 -32.57 19.43
N GLY A 244 11.02 -31.84 20.54
CA GLY A 244 10.42 -30.55 20.68
C GLY A 244 10.92 -29.65 19.54
N ASP A 245 9.97 -29.05 18.85
CA ASP A 245 10.28 -28.20 17.73
C ASP A 245 11.60 -27.44 17.97
N GLN A 246 11.70 -26.93 19.19
CA GLN A 246 12.82 -26.12 19.57
C GLN A 246 14.09 -26.92 19.47
N GLN A 247 14.08 -28.10 20.08
CA GLN A 247 15.18 -29.05 20.05
C GLN A 247 15.42 -29.61 18.63
N ALA A 248 14.26 -29.89 17.98
CA ALA A 248 14.27 -30.34 16.61
C ALA A 248 15.15 -29.41 15.79
N ALA A 249 15.07 -28.12 16.12
CA ALA A 249 15.85 -27.12 15.44
C ALA A 249 17.34 -27.23 15.76
N LEU A 250 17.66 -27.20 17.05
CA LEU A 250 19.04 -27.32 17.45
C LEU A 250 19.70 -28.51 16.77
N PHE A 251 18.90 -29.56 16.60
CA PHE A 251 19.41 -30.75 15.96
C PHE A 251 19.71 -30.47 14.52
N GLY A 252 18.66 -30.09 13.80
CA GLY A 252 18.77 -29.74 12.38
C GLY A 252 19.91 -28.74 12.24
N GLN A 253 20.11 -27.98 13.30
CA GLN A 253 21.17 -27.01 13.35
C GLN A 253 22.53 -27.66 13.54
N LEU A 254 22.52 -28.96 13.88
CA LEU A 254 23.72 -29.75 14.12
C LEU A 254 24.44 -29.32 15.40
N CYS A 255 23.67 -28.72 16.28
CA CYS A 255 24.22 -28.33 17.54
C CYS A 255 24.09 -29.51 18.47
N VAL A 256 24.89 -30.51 18.18
CA VAL A 256 24.88 -31.73 18.96
C VAL A 256 25.99 -31.70 20.00
N LYS A 257 26.79 -30.64 19.93
CA LYS A 257 27.88 -30.50 20.86
C LYS A 257 27.69 -29.37 21.83
N GLU A 258 28.06 -29.64 23.06
CA GLU A 258 27.92 -28.63 24.07
C GLU A 258 28.63 -27.37 23.57
N GLY A 259 28.04 -26.21 23.90
CA GLY A 259 28.57 -24.92 23.52
C GLY A 259 27.89 -24.36 22.27
N MET A 260 27.22 -25.26 21.56
CA MET A 260 26.54 -24.90 20.35
C MET A 260 25.15 -24.37 20.68
N ALA A 261 24.87 -23.19 20.17
CA ALA A 261 23.56 -22.62 20.41
C ALA A 261 22.96 -22.00 19.17
N LYS A 262 21.65 -21.81 19.26
CA LYS A 262 20.88 -21.21 18.21
C LYS A 262 19.69 -20.46 18.71
N ASN A 263 19.20 -19.61 17.83
CA ASN A 263 18.01 -18.89 18.10
C ASN A 263 17.03 -19.02 16.94
N THR A 264 15.91 -19.54 17.32
CA THR A 264 14.84 -19.76 16.41
C THR A 264 13.84 -18.59 16.45
N TYR A 265 13.57 -18.07 15.26
CA TYR A 265 12.70 -16.95 15.07
C TYR A 265 11.35 -17.38 14.59
N GLY A 266 10.59 -17.88 15.55
CA GLY A 266 9.26 -18.38 15.25
C GLY A 266 8.14 -17.73 16.07
N THR A 267 7.18 -18.54 16.48
CA THR A 267 6.08 -17.95 17.15
C THR A 267 6.60 -17.20 18.31
N GLY A 268 7.61 -17.82 18.92
CA GLY A 268 8.35 -17.22 19.99
C GLY A 268 9.84 -17.29 19.60
N CYS A 269 10.67 -16.70 20.43
CA CYS A 269 12.07 -16.80 20.19
C CYS A 269 12.55 -17.92 21.06
N PHE A 270 13.40 -18.77 20.51
CA PHE A 270 13.85 -19.85 21.32
C PHE A 270 15.27 -20.11 21.09
N MET A 271 16.10 -19.60 22.00
CA MET A 271 17.56 -19.74 21.94
C MET A 271 18.07 -20.84 22.83
N LEU A 272 18.64 -21.86 22.20
CA LEU A 272 19.14 -22.95 22.97
C LEU A 272 20.57 -23.14 22.76
N MET A 273 21.18 -23.61 23.84
CA MET A 273 22.58 -23.95 23.85
C MET A 273 22.83 -25.36 24.30
N ASN A 274 23.59 -26.13 23.51
CA ASN A 274 23.90 -27.48 23.91
C ASN A 274 24.77 -27.46 25.17
N THR A 275 24.47 -28.31 26.13
CA THR A 275 25.28 -28.34 27.31
C THR A 275 25.80 -29.75 27.47
N GLY A 276 25.96 -30.40 26.32
CA GLY A 276 26.46 -31.75 26.21
C GLY A 276 25.67 -32.75 27.00
N GLU A 277 26.40 -33.56 27.79
CA GLU A 277 25.83 -34.58 28.67
C GLU A 277 25.64 -34.09 30.03
N LYS A 278 25.94 -32.84 30.19
CA LYS A 278 25.86 -32.23 31.48
C LYS A 278 24.74 -31.22 31.60
N ALA A 279 24.03 -31.30 32.70
CA ALA A 279 23.01 -30.33 32.97
C ALA A 279 23.60 -29.05 33.57
N VAL A 280 22.97 -27.92 33.28
CA VAL A 280 23.45 -26.61 33.73
C VAL A 280 22.50 -25.73 34.51
N LYS A 281 22.84 -25.45 35.77
CA LYS A 281 21.95 -24.61 36.55
C LYS A 281 21.86 -23.22 36.02
N SER A 282 20.67 -22.67 36.05
CA SER A 282 20.54 -21.34 35.55
C SER A 282 20.35 -20.39 36.70
N GLU A 283 21.23 -19.46 36.59
CA GLU A 283 21.32 -18.42 37.55
C GLU A 283 20.66 -17.17 37.01
N ASN A 284 20.28 -17.20 35.75
CA ASN A 284 19.67 -16.01 35.23
C ASN A 284 18.33 -16.32 34.62
N GLY A 285 17.57 -17.08 35.41
CA GLY A 285 16.22 -17.45 35.06
C GLY A 285 16.10 -17.86 33.61
N LEU A 286 16.86 -18.90 33.34
CA LEU A 286 16.88 -19.57 32.07
C LEU A 286 16.41 -20.98 32.33
N LEU A 287 16.15 -21.70 31.26
CA LEU A 287 15.69 -23.05 31.43
C LEU A 287 16.81 -24.07 31.24
N THR A 288 16.70 -25.11 32.02
CA THR A 288 17.64 -26.17 31.84
C THR A 288 16.92 -27.38 31.26
N THR A 289 17.19 -27.74 29.98
CA THR A 289 16.53 -28.95 29.51
C THR A 289 17.31 -29.86 28.58
N ILE A 290 16.56 -30.94 28.29
CA ILE A 290 16.90 -32.08 27.47
C ILE A 290 17.06 -31.82 25.98
N ALA A 291 18.20 -32.16 25.47
CA ALA A 291 18.41 -31.92 24.09
C ALA A 291 18.90 -33.19 23.41
N CYS A 292 19.42 -33.04 22.19
CA CYS A 292 19.88 -34.22 21.54
C CYS A 292 21.36 -34.38 21.43
N GLY A 293 21.72 -35.63 21.66
CA GLY A 293 23.06 -36.02 21.50
C GLY A 293 23.21 -36.09 20.00
N PRO A 294 24.43 -36.15 19.59
CA PRO A 294 24.87 -36.21 18.21
C PRO A 294 24.11 -37.15 17.29
N THR A 295 23.17 -37.87 17.88
CA THR A 295 22.29 -38.80 17.21
C THR A 295 21.08 -39.06 18.08
N GLY A 296 20.62 -38.00 18.71
CA GLY A 296 19.40 -38.07 19.45
C GLY A 296 19.53 -38.73 20.77
N GLU A 297 20.72 -38.71 21.27
CA GLU A 297 20.84 -39.30 22.56
C GLU A 297 20.45 -38.21 23.51
N VAL A 298 20.48 -38.51 24.76
CA VAL A 298 20.19 -37.47 25.68
C VAL A 298 21.33 -36.51 25.86
N ASN A 299 20.99 -35.25 25.82
CA ASN A 299 21.97 -34.24 26.03
C ASN A 299 21.27 -33.17 26.84
N TYR A 300 21.93 -32.04 27.00
CA TYR A 300 21.27 -30.95 27.64
C TYR A 300 21.47 -29.67 26.97
N ALA A 301 20.66 -28.77 27.43
CA ALA A 301 20.78 -27.46 26.92
C ALA A 301 20.35 -26.44 27.89
N LEU A 302 20.68 -25.25 27.48
CA LEU A 302 20.27 -24.04 28.13
C LEU A 302 19.29 -23.39 27.12
N GLU A 303 18.13 -23.02 27.66
CA GLU A 303 17.15 -22.46 26.79
C GLU A 303 16.59 -21.15 27.30
N GLY A 304 16.47 -20.27 26.32
CA GLY A 304 15.88 -18.96 26.49
C GLY A 304 14.57 -18.97 25.70
N ALA A 305 13.42 -18.90 26.44
CA ALA A 305 12.06 -18.92 25.92
C ALA A 305 11.41 -17.56 25.93
N VAL A 306 11.13 -17.08 24.70
CA VAL A 306 10.51 -15.79 24.39
C VAL A 306 9.18 -16.01 23.75
N PHE A 307 8.12 -15.86 24.50
CA PHE A 307 6.84 -16.23 23.94
C PHE A 307 6.36 -15.54 22.70
N MET A 308 6.74 -14.29 22.55
CA MET A 308 6.20 -13.54 21.46
C MET A 308 7.17 -13.04 20.43
N ALA A 309 7.15 -13.70 19.28
CA ALA A 309 8.06 -13.31 18.23
C ALA A 309 7.42 -13.13 16.83
N GLY A 310 7.27 -14.19 16.08
CA GLY A 310 6.68 -13.97 14.77
C GLY A 310 5.23 -13.68 15.00
N ALA A 311 4.77 -14.36 16.05
CA ALA A 311 3.41 -14.21 16.48
C ALA A 311 3.09 -12.75 16.51
N SER A 312 4.04 -11.97 17.04
CA SER A 312 3.94 -10.53 17.05
C SER A 312 3.50 -10.05 15.66
N ILE A 313 4.43 -10.26 14.71
CA ILE A 313 4.22 -9.97 13.31
C ILE A 313 2.90 -10.43 12.78
N GLN A 314 2.56 -11.63 13.17
CA GLN A 314 1.29 -12.13 12.79
C GLN A 314 0.11 -11.27 13.32
N TRP A 315 0.26 -10.64 14.50
CA TRP A 315 -0.83 -9.86 15.06
C TRP A 315 -0.95 -8.53 14.35
N LEU A 316 0.18 -7.92 14.01
CA LEU A 316 -0.03 -6.68 13.27
C LEU A 316 -0.75 -6.96 11.98
N ARG A 317 -0.66 -8.21 11.56
CA ARG A 317 -1.26 -8.51 10.31
C ARG A 317 -2.73 -8.81 10.44
N ASP A 318 -3.04 -9.86 11.15
CA ASP A 318 -4.41 -10.34 11.32
C ASP A 318 -5.20 -9.48 12.35
N GLU A 319 -4.58 -9.01 13.39
CA GLU A 319 -5.32 -8.19 14.31
C GLU A 319 -5.30 -6.73 13.94
N MET A 320 -4.13 -6.09 14.13
CA MET A 320 -3.96 -4.68 13.82
C MET A 320 -4.25 -4.41 12.36
N LYS A 321 -4.17 -5.49 11.59
CA LYS A 321 -4.44 -5.35 10.19
C LYS A 321 -3.51 -4.27 9.63
N LEU A 322 -2.36 -4.01 10.25
CA LEU A 322 -1.54 -2.91 9.75
C LEU A 322 -0.66 -3.21 8.54
N ILE A 323 -0.70 -4.50 8.09
CA ILE A 323 0.07 -4.98 6.95
C ILE A 323 -0.58 -6.19 6.31
N ASN A 324 0.10 -6.76 5.31
CA ASN A 324 -0.41 -7.93 4.62
C ASN A 324 0.62 -8.96 4.19
N ASP A 325 0.15 -9.88 3.36
CA ASP A 325 1.06 -10.87 2.80
C ASP A 325 1.66 -10.19 1.56
N ALA A 326 0.98 -9.09 1.21
CA ALA A 326 1.37 -8.21 0.15
C ALA A 326 2.50 -7.28 0.63
N TYR A 327 2.19 -6.48 1.63
CA TYR A 327 3.14 -5.52 2.13
C TYR A 327 3.69 -5.87 3.47
N ASP A 328 4.91 -6.32 3.41
CA ASP A 328 5.66 -6.76 4.55
C ASP A 328 5.92 -5.79 5.65
N SER A 329 6.09 -6.40 6.79
CA SER A 329 6.46 -5.67 7.94
C SER A 329 7.76 -4.97 7.57
N GLU A 330 8.63 -5.71 6.92
CA GLU A 330 9.87 -5.12 6.50
C GLU A 330 9.56 -3.93 5.61
N TYR A 331 8.72 -4.15 4.61
CA TYR A 331 8.38 -3.05 3.78
C TYR A 331 8.41 -1.72 4.46
N PHE A 332 7.50 -1.62 5.43
CA PHE A 332 7.26 -0.42 6.19
C PHE A 332 8.34 -0.13 7.14
N ALA A 333 8.44 -0.99 8.11
CA ALA A 333 9.45 -0.80 9.08
C ALA A 333 10.58 0.09 8.54
N THR A 334 11.12 -0.28 7.37
CA THR A 334 12.22 0.42 6.74
C THR A 334 11.87 1.82 6.20
N LYS A 335 10.61 2.14 6.05
CA LYS A 335 10.19 3.44 5.58
C LYS A 335 10.54 4.53 6.60
N VAL A 336 10.56 4.23 7.90
CA VAL A 336 10.96 5.22 8.89
C VAL A 336 12.34 4.90 9.30
N GLN A 337 12.92 5.71 10.20
CA GLN A 337 14.26 5.38 10.58
C GLN A 337 14.40 5.00 12.00
N ASN A 338 13.27 4.82 12.64
CA ASN A 338 13.27 4.47 14.02
C ASN A 338 11.89 4.39 14.53
N THR A 339 11.70 3.76 15.67
CA THR A 339 10.39 3.71 16.28
C THR A 339 9.91 5.04 16.70
N ASN A 340 10.73 6.04 16.44
CA ASN A 340 10.34 7.33 16.85
C ASN A 340 10.30 7.38 18.36
N GLY A 341 10.99 6.47 18.97
CA GLY A 341 11.04 6.47 20.41
C GLY A 341 10.15 5.41 21.01
N VAL A 342 9.34 4.86 20.15
CA VAL A 342 8.42 3.85 20.54
C VAL A 342 8.96 2.49 20.93
N TYR A 343 8.26 1.90 21.83
CA TYR A 343 8.64 0.57 22.26
C TYR A 343 7.43 -0.35 22.34
N VAL A 344 7.66 -1.57 21.86
CA VAL A 344 6.67 -2.56 21.96
C VAL A 344 7.14 -3.62 22.91
N VAL A 345 6.27 -3.98 23.83
CA VAL A 345 6.47 -5.04 24.79
C VAL A 345 5.42 -6.09 24.56
N PRO A 346 5.83 -7.14 23.90
CA PRO A 346 5.03 -8.25 23.48
C PRO A 346 4.68 -9.23 24.60
N ALA A 347 4.22 -8.67 25.70
CA ALA A 347 3.77 -9.45 26.82
C ALA A 347 2.41 -10.00 26.50
N PHE A 348 2.22 -10.33 25.24
CA PHE A 348 0.92 -10.74 24.81
C PHE A 348 0.47 -11.96 25.50
N THR A 349 1.46 -12.58 26.06
CA THR A 349 1.20 -13.79 26.77
C THR A 349 1.84 -13.73 28.11
N GLY A 350 2.14 -12.53 28.59
CA GLY A 350 2.83 -12.42 29.85
C GLY A 350 4.26 -12.50 29.38
N LEU A 351 5.24 -12.66 30.30
CA LEU A 351 6.59 -12.63 29.79
C LEU A 351 7.45 -13.87 29.66
N GLY A 352 7.96 -14.44 30.70
CA GLY A 352 8.83 -15.60 30.43
C GLY A 352 10.30 -15.19 30.45
N ALA A 353 11.12 -15.99 29.82
CA ALA A 353 12.57 -15.85 29.92
C ALA A 353 13.14 -14.51 29.48
N PRO A 354 13.71 -13.81 30.43
CA PRO A 354 13.91 -14.24 31.80
C PRO A 354 13.00 -13.62 32.81
N TYR A 355 12.03 -12.89 32.38
CA TYR A 355 11.23 -12.24 33.37
C TYR A 355 10.31 -13.22 34.03
N TRP A 356 9.77 -14.12 33.21
CA TRP A 356 8.81 -15.09 33.70
C TRP A 356 7.70 -14.42 34.50
N ASP A 357 7.11 -13.43 33.86
CA ASP A 357 5.95 -12.82 34.43
C ASP A 357 4.85 -13.46 33.61
N PRO A 358 3.68 -13.49 34.21
CA PRO A 358 2.56 -14.11 33.63
C PRO A 358 1.40 -13.19 33.74
N TYR A 359 1.75 -11.98 34.12
CA TYR A 359 0.78 -10.94 34.31
C TYR A 359 1.22 -9.74 33.49
N ALA A 360 2.47 -9.81 33.09
CA ALA A 360 2.95 -8.76 32.28
C ALA A 360 2.11 -8.84 31.03
N ARG A 361 1.67 -7.73 30.52
CA ARG A 361 0.91 -7.83 29.31
C ARG A 361 1.32 -6.86 28.24
N GLY A 362 0.96 -7.24 27.03
CA GLY A 362 1.26 -6.45 25.86
C GLY A 362 1.08 -4.95 26.10
N ALA A 363 2.04 -4.16 25.55
CA ALA A 363 2.06 -2.70 25.66
C ALA A 363 2.96 -1.92 24.74
N ILE A 364 2.49 -0.73 24.39
CA ILE A 364 3.25 0.19 23.60
C ILE A 364 3.66 1.38 24.41
N PHE A 365 4.88 1.90 24.21
CA PHE A 365 5.23 3.09 24.96
C PHE A 365 5.95 4.19 24.20
N GLY A 366 5.85 5.40 24.78
CA GLY A 366 6.50 6.52 24.14
C GLY A 366 5.75 7.04 22.91
N LEU A 367 4.41 7.04 23.01
CA LEU A 367 3.59 7.57 21.95
C LEU A 367 3.68 9.10 21.85
N THR A 368 3.81 9.57 20.60
CA THR A 368 3.86 10.98 20.23
C THR A 368 2.86 11.30 19.15
N ARG A 369 2.48 12.54 19.11
CA ARG A 369 1.55 13.00 18.10
C ARG A 369 1.85 12.53 16.68
N GLY A 370 3.13 12.37 16.38
CA GLY A 370 3.57 12.00 15.03
C GLY A 370 3.96 10.52 14.86
N VAL A 371 3.78 9.76 15.88
CA VAL A 371 4.10 8.39 15.71
C VAL A 371 3.13 7.78 14.77
N ASN A 372 3.62 6.99 13.83
CA ASN A 372 2.79 6.28 12.89
C ASN A 372 2.90 4.76 12.92
N ALA A 373 2.10 4.13 12.06
CA ALA A 373 2.17 2.68 11.88
C ALA A 373 3.57 2.15 11.82
N ASN A 374 4.27 2.71 10.85
CA ASN A 374 5.61 2.29 10.64
C ASN A 374 6.37 2.24 11.90
N HIS A 375 6.59 3.41 12.49
CA HIS A 375 7.29 3.33 13.72
C HIS A 375 6.79 2.18 14.57
N ILE A 376 5.46 2.01 14.57
CA ILE A 376 4.89 0.93 15.36
C ILE A 376 5.43 -0.42 14.97
N ILE A 377 5.19 -0.69 13.68
CA ILE A 377 5.65 -1.87 13.01
C ILE A 377 7.04 -2.25 13.42
N ARG A 378 7.90 -1.32 13.11
CA ARG A 378 9.27 -1.44 13.45
C ARG A 378 9.44 -1.74 14.94
N ALA A 379 8.95 -0.80 15.71
CA ALA A 379 9.00 -0.98 17.12
C ALA A 379 8.73 -2.40 17.52
N THR A 380 7.78 -2.98 16.81
CA THR A 380 7.41 -4.36 17.01
C THR A 380 8.57 -5.26 16.65
N LEU A 381 8.86 -5.23 15.39
CA LEU A 381 10.00 -5.90 14.86
C LEU A 381 11.16 -5.83 15.82
N GLU A 382 11.45 -4.64 16.35
CA GLU A 382 12.61 -4.61 17.22
C GLU A 382 12.42 -5.37 18.53
N SER A 383 11.20 -5.38 19.04
CA SER A 383 10.95 -6.11 20.26
C SER A 383 11.65 -7.46 20.19
N ILE A 384 11.60 -8.03 19.02
CA ILE A 384 12.22 -9.31 18.95
C ILE A 384 13.68 -9.29 19.35
N ALA A 385 14.49 -8.64 18.50
CA ALA A 385 15.88 -8.47 18.77
C ALA A 385 16.13 -8.24 20.24
N TYR A 386 15.40 -7.28 20.77
CA TYR A 386 15.51 -6.98 22.17
C TYR A 386 15.46 -8.20 23.04
N GLN A 387 14.26 -8.73 23.09
CA GLN A 387 14.06 -9.93 23.82
C GLN A 387 15.33 -10.81 23.66
N THR A 388 15.58 -11.20 22.44
CA THR A 388 16.72 -11.99 22.16
C THR A 388 17.87 -11.52 22.99
N ARG A 389 18.33 -10.31 22.70
CA ARG A 389 19.39 -9.83 23.53
C ARG A 389 19.26 -10.28 24.94
N ASP A 390 18.22 -9.84 25.61
CA ASP A 390 18.05 -10.33 26.95
C ASP A 390 18.62 -11.71 27.16
N VAL A 391 17.83 -12.66 26.75
CA VAL A 391 18.20 -14.04 26.87
C VAL A 391 19.61 -14.26 26.45
N LEU A 392 19.94 -13.77 25.26
CA LEU A 392 21.30 -13.97 24.85
C LEU A 392 22.25 -13.72 26.01
N GLU A 393 22.39 -12.44 26.34
CA GLU A 393 23.19 -12.05 27.47
C GLU A 393 23.10 -13.07 28.61
N ALA A 394 21.86 -13.31 29.01
CA ALA A 394 21.64 -14.27 30.06
C ALA A 394 22.41 -15.56 29.85
N MET A 395 22.25 -16.16 28.66
CA MET A 395 22.96 -17.39 28.39
C MET A 395 24.40 -17.25 28.72
N GLN A 396 25.10 -16.31 28.09
CA GLN A 396 26.50 -16.12 28.45
C GLN A 396 26.57 -16.33 29.93
N ALA A 397 26.14 -15.33 30.68
CA ALA A 397 26.11 -15.54 32.13
C ALA A 397 26.18 -17.02 32.55
N ASP A 398 25.04 -17.64 32.47
CA ASP A 398 24.89 -19.02 32.75
C ASP A 398 25.95 -19.84 32.07
N SER A 399 25.87 -19.88 30.75
CA SER A 399 26.80 -20.65 29.94
C SER A 399 28.23 -20.28 30.21
N GLY A 400 28.53 -19.03 30.21
CA GLY A 400 29.90 -18.67 30.40
C GLY A 400 30.58 -18.66 29.03
N ILE A 401 29.78 -18.58 27.97
CA ILE A 401 30.31 -18.56 26.61
C ILE A 401 29.93 -17.40 25.75
N ARG A 402 30.88 -16.63 25.20
CA ARG A 402 30.43 -15.54 24.31
C ARG A 402 30.05 -16.01 22.92
N LEU A 403 28.86 -15.70 22.50
CA LEU A 403 28.56 -16.17 21.19
C LEU A 403 29.27 -15.17 20.30
N HIS A 404 29.92 -15.66 19.28
CA HIS A 404 30.65 -14.73 18.48
C HIS A 404 29.94 -14.35 17.24
N ALA A 405 29.03 -15.21 16.88
CA ALA A 405 28.15 -14.92 15.79
C ALA A 405 26.85 -15.60 16.13
N LEU A 406 25.78 -15.16 15.52
CA LEU A 406 24.59 -15.85 15.91
C LEU A 406 24.00 -16.75 14.85
N ARG A 407 23.72 -17.94 15.35
CA ARG A 407 23.12 -18.91 14.51
C ARG A 407 21.62 -18.83 14.70
N VAL A 408 20.97 -18.54 13.60
CA VAL A 408 19.55 -18.35 13.58
C VAL A 408 18.77 -19.18 12.61
N ASP A 409 17.48 -19.24 12.87
CA ASP A 409 16.58 -19.94 12.01
C ASP A 409 15.17 -19.56 12.38
N GLY A 410 14.28 -19.78 11.39
CA GLY A 410 12.87 -19.49 11.46
C GLY A 410 12.53 -18.34 10.57
N GLY A 411 11.38 -18.43 9.87
CA GLY A 411 10.86 -17.41 8.91
C GLY A 411 11.38 -15.99 9.13
N ALA A 412 11.03 -15.43 10.25
CA ALA A 412 11.52 -14.14 10.62
C ALA A 412 12.92 -13.79 10.19
N VAL A 413 13.81 -14.76 10.30
CA VAL A 413 15.20 -14.52 9.96
C VAL A 413 15.39 -14.03 8.52
N ALA A 414 14.36 -14.19 7.72
CA ALA A 414 14.37 -13.75 6.34
C ALA A 414 14.32 -12.24 6.25
N ASN A 415 13.84 -11.67 7.34
CA ASN A 415 13.70 -10.26 7.53
C ASN A 415 15.02 -9.62 7.77
N ASN A 416 15.61 -9.20 6.65
CA ASN A 416 16.95 -8.62 6.62
C ASN A 416 17.03 -7.56 7.70
N PHE A 417 16.05 -6.71 7.68
CA PHE A 417 15.97 -5.66 8.67
C PHE A 417 16.23 -6.14 10.09
N LEU A 418 15.29 -6.96 10.47
CA LEU A 418 15.28 -7.58 11.76
C LEU A 418 16.65 -8.13 12.11
N MET A 419 17.17 -8.81 11.09
CA MET A 419 18.41 -9.48 11.21
C MET A 419 19.47 -8.46 11.51
N GLN A 420 19.53 -7.47 10.64
CA GLN A 420 20.48 -6.42 10.89
C GLN A 420 20.34 -5.90 12.30
N PHE A 421 19.20 -5.31 12.52
CA PHE A 421 18.95 -4.82 13.85
C PHE A 421 19.50 -5.79 14.90
N GLN A 422 18.96 -7.03 14.86
CA GLN A 422 19.45 -8.06 15.77
C GLN A 422 20.98 -8.00 15.94
N SER A 423 21.67 -8.02 14.81
CA SER A 423 23.10 -7.95 14.86
C SER A 423 23.57 -6.69 15.59
N ASP A 424 23.11 -5.51 15.07
CA ASP A 424 23.46 -4.24 15.71
C ASP A 424 23.28 -4.22 17.18
N ILE A 425 22.10 -4.55 17.48
CA ILE A 425 21.64 -4.55 18.81
C ILE A 425 22.48 -5.46 19.68
N LEU A 426 22.82 -6.61 19.12
CA LEU A 426 23.62 -7.56 19.86
C LEU A 426 25.01 -7.05 19.94
N GLY A 427 25.41 -6.50 18.80
CA GLY A 427 26.77 -6.10 18.63
C GLY A 427 27.53 -7.40 18.40
N THR A 428 26.91 -8.23 17.54
CA THR A 428 27.37 -9.54 17.15
C THR A 428 26.94 -9.97 15.77
N ARG A 429 27.82 -10.65 15.09
CA ARG A 429 27.42 -11.11 13.81
C ARG A 429 26.33 -12.13 14.02
N VAL A 430 25.52 -12.26 12.98
CA VAL A 430 24.39 -13.12 12.96
C VAL A 430 24.44 -13.90 11.66
N GLU A 431 24.43 -15.23 11.78
CA GLU A 431 24.51 -15.98 10.55
C GLU A 431 23.24 -16.68 10.14
N ARG A 432 22.79 -16.25 8.98
CA ARG A 432 21.58 -16.74 8.41
C ARG A 432 21.84 -17.69 7.30
N PRO A 433 21.38 -18.90 7.57
CA PRO A 433 21.51 -20.06 6.75
C PRO A 433 20.57 -20.06 5.57
N GLU A 434 20.87 -21.02 4.72
CA GLU A 434 20.20 -21.28 3.45
C GLU A 434 18.72 -21.53 3.61
N VAL A 435 18.40 -22.48 4.51
CA VAL A 435 17.05 -22.88 4.81
C VAL A 435 16.67 -22.71 6.24
N ARG A 436 15.44 -22.27 6.55
CA ARG A 436 15.07 -22.14 7.96
C ARG A 436 14.34 -23.36 8.58
N GLU A 437 14.12 -24.40 7.77
CA GLU A 437 13.44 -25.64 8.16
C GLU A 437 14.20 -26.49 9.14
N VAL A 438 15.31 -25.96 9.61
CA VAL A 438 16.09 -26.74 10.53
C VAL A 438 15.20 -27.55 11.41
N THR A 439 14.15 -26.92 11.88
CA THR A 439 13.22 -27.69 12.66
C THR A 439 12.88 -29.06 12.07
N ALA A 440 12.25 -29.00 10.90
CA ALA A 440 11.83 -30.17 10.19
C ALA A 440 13.03 -31.03 9.96
N LEU A 441 14.11 -30.39 9.56
CA LEU A 441 15.30 -31.14 9.34
C LEU A 441 15.55 -32.07 10.49
N GLY A 442 15.77 -31.46 11.61
CA GLY A 442 15.95 -32.26 12.76
C GLY A 442 15.14 -33.55 12.70
N ALA A 443 13.77 -33.42 12.77
CA ALA A 443 12.91 -34.62 12.80
C ALA A 443 13.27 -35.54 11.66
N ALA A 444 13.50 -34.94 10.47
CA ALA A 444 13.97 -35.67 9.30
C ALA A 444 15.09 -36.56 9.75
N TYR A 445 16.22 -35.86 9.92
CA TYR A 445 17.42 -36.39 10.50
C TYR A 445 17.16 -37.50 11.47
N LEU A 446 16.59 -37.10 12.59
CA LEU A 446 16.20 -38.02 13.60
C LEU A 446 15.65 -39.32 13.09
N ALA A 447 14.39 -39.28 12.72
CA ALA A 447 13.75 -40.48 12.24
C ALA A 447 14.58 -41.13 11.14
N GLY A 448 15.16 -40.34 10.29
CA GLY A 448 15.98 -40.90 9.24
C GLY A 448 17.10 -41.75 9.83
N LEU A 449 17.85 -41.13 10.74
CA LEU A 449 18.91 -41.81 11.47
C LEU A 449 18.47 -43.11 12.05
N ALA A 450 17.38 -42.96 12.77
CA ALA A 450 16.79 -44.05 13.49
C ALA A 450 16.51 -45.23 12.62
N VAL A 451 16.64 -45.06 11.34
CA VAL A 451 16.27 -46.11 10.43
C VAL A 451 17.35 -46.25 9.37
N GLY A 452 18.49 -45.70 9.72
CA GLY A 452 19.66 -45.86 8.90
C GLY A 452 19.64 -45.02 7.68
N PHE A 453 18.47 -44.63 7.24
CA PHE A 453 18.45 -43.78 6.06
C PHE A 453 19.78 -43.05 5.94
N TRP A 454 20.14 -42.41 7.04
CA TRP A 454 21.41 -41.82 7.26
C TRP A 454 22.01 -42.50 8.46
N GLN A 455 23.32 -42.37 8.51
CA GLN A 455 24.15 -42.92 9.54
C GLN A 455 24.55 -41.88 10.56
N ASN A 456 24.62 -40.64 10.09
CA ASN A 456 24.97 -39.56 11.00
C ASN A 456 25.13 -38.21 10.34
N LEU A 457 24.89 -37.19 11.14
CA LEU A 457 25.03 -35.81 10.78
C LEU A 457 26.30 -35.57 9.98
N ASP A 458 27.24 -36.45 10.18
CA ASP A 458 28.46 -36.36 9.46
C ASP A 458 28.21 -36.11 8.02
N GLU A 459 27.58 -37.12 7.45
CA GLU A 459 27.28 -37.07 6.05
C GLU A 459 26.76 -35.70 5.67
N LEU A 460 25.90 -35.10 6.50
CA LEU A 460 25.30 -33.84 6.13
C LEU A 460 25.82 -32.64 6.90
N GLN A 461 27.06 -32.72 7.27
CA GLN A 461 27.67 -31.61 7.90
C GLN A 461 27.74 -30.45 6.90
N GLU A 462 27.76 -30.82 5.65
CA GLU A 462 27.87 -29.80 4.65
C GLU A 462 26.58 -29.34 4.00
N LYS A 463 25.43 -29.84 4.49
CA LYS A 463 24.16 -29.41 3.92
C LYS A 463 23.88 -27.94 4.30
N ALA A 464 24.45 -27.57 5.47
CA ALA A 464 24.38 -26.25 6.12
C ALA A 464 25.05 -25.09 5.36
N VAL A 465 24.21 -24.20 4.81
CA VAL A 465 24.68 -23.03 4.03
C VAL A 465 24.40 -21.64 4.61
N ILE A 466 25.45 -20.86 4.83
CA ILE A 466 25.27 -19.52 5.34
C ILE A 466 24.89 -18.54 4.25
N GLU A 467 23.59 -18.32 4.10
CA GLU A 467 23.15 -17.40 3.10
C GLU A 467 23.69 -16.02 3.39
N ARG A 468 23.63 -15.62 4.64
CA ARG A 468 24.05 -14.29 4.99
C ARG A 468 24.53 -14.08 6.38
N GLU A 469 25.34 -13.08 6.51
CA GLU A 469 25.85 -12.76 7.82
C GLU A 469 25.66 -11.27 8.11
N PHE A 470 25.29 -10.96 9.32
CA PHE A 470 25.09 -9.57 9.57
C PHE A 470 26.00 -9.15 10.68
N ARG A 471 26.75 -8.12 10.38
CA ARG A 471 27.66 -7.60 11.36
C ARG A 471 27.16 -6.27 11.84
N PRO A 472 27.30 -6.08 13.15
CA PRO A 472 26.83 -4.88 13.80
C PRO A 472 27.32 -3.62 13.09
N GLY A 473 26.60 -2.49 13.27
CA GLY A 473 26.87 -1.18 12.68
C GLY A 473 26.52 -0.01 13.63
N ILE A 474 26.20 -0.42 14.85
CA ILE A 474 25.79 0.43 15.96
C ILE A 474 26.81 0.33 17.06
N GLU A 475 27.02 1.44 17.76
CA GLU A 475 27.99 1.42 18.80
C GLU A 475 27.49 1.43 20.16
N THR A 476 28.12 0.54 20.92
CA THR A 476 27.93 0.37 22.34
C THR A 476 26.94 1.39 22.81
N THR A 477 27.52 2.50 23.21
CA THR A 477 26.79 3.69 23.56
C THR A 477 25.36 3.52 23.10
N GLU A 478 25.18 3.74 21.75
CA GLU A 478 23.89 3.62 21.09
C GLU A 478 23.29 2.30 21.53
N ARG A 479 23.87 1.24 21.00
CA ARG A 479 23.45 -0.06 21.40
C ARG A 479 23.03 -0.08 22.86
N ASN A 480 23.95 0.21 23.78
CA ASN A 480 23.61 0.17 25.19
C ASN A 480 22.46 1.12 25.55
N TYR A 481 22.26 2.17 24.75
CA TYR A 481 21.19 3.10 24.95
C TYR A 481 19.80 2.52 24.70
N ARG A 482 19.56 2.15 23.46
CA ARG A 482 18.25 1.60 23.15
C ARG A 482 17.87 0.52 24.12
N TYR A 483 18.79 -0.42 24.39
CA TYR A 483 18.47 -1.46 25.36
C TYR A 483 17.77 -0.86 26.58
N ALA A 484 18.35 0.29 26.99
CA ALA A 484 17.87 1.01 28.13
C ALA A 484 16.38 1.19 28.16
N GLY A 485 15.86 1.79 27.10
CA GLY A 485 14.44 2.02 27.01
C GLY A 485 13.71 0.71 27.01
N TRP A 486 14.14 -0.10 26.06
CA TRP A 486 13.57 -1.38 25.94
C TRP A 486 13.34 -1.92 27.32
N LYS A 487 14.39 -1.81 28.09
CA LYS A 487 14.26 -2.23 29.44
C LYS A 487 13.22 -1.40 30.20
N LYS A 488 13.39 -0.09 30.13
CA LYS A 488 12.48 0.85 30.75
C LYS A 488 11.06 0.42 30.56
N ALA A 489 10.79 0.26 29.29
CA ALA A 489 9.53 -0.20 28.79
C ALA A 489 9.09 -1.48 29.45
N VAL A 490 9.95 -2.46 29.27
CA VAL A 490 9.70 -3.76 29.76
C VAL A 490 9.10 -3.82 31.14
N LYS A 491 9.59 -2.97 32.02
CA LYS A 491 9.13 -3.00 33.40
C LYS A 491 7.73 -2.55 33.54
N ARG A 492 7.45 -1.60 32.69
CA ARG A 492 6.18 -0.94 32.67
C ARG A 492 5.08 -1.91 32.29
N ALA A 493 5.44 -2.95 31.55
CA ALA A 493 4.47 -3.98 31.17
C ALA A 493 4.12 -5.00 32.21
N MET A 494 5.06 -5.24 33.14
CA MET A 494 4.85 -6.31 34.10
C MET A 494 3.84 -6.09 35.14
N ALA A 495 3.43 -7.22 35.66
CA ALA A 495 2.47 -7.24 36.72
C ALA A 495 1.31 -6.40 36.32
N TRP A 496 0.93 -6.58 35.09
CA TRP A 496 -0.15 -5.81 34.65
C TRP A 496 -1.46 -6.44 35.05
N GLU A 497 -1.64 -7.66 34.60
CA GLU A 497 -2.88 -8.29 34.85
C GLU A 497 -3.11 -8.49 36.32
N GLU A 498 -4.37 -8.42 36.64
CA GLU A 498 -4.90 -8.54 37.95
C GLU A 498 -5.01 -10.03 38.25
N HIS A 499 -4.70 -10.43 39.48
CA HIS A 499 -4.72 -11.84 39.86
C HIS A 499 -6.14 -12.39 39.95
N GLU B 2 8.70 49.11 -5.41
CA GLU B 2 7.38 49.16 -4.78
C GLU B 2 6.46 48.04 -5.25
N LYS B 3 5.75 48.29 -6.35
CA LYS B 3 4.91 47.25 -6.91
C LYS B 3 5.88 46.23 -7.54
N LYS B 4 5.96 45.05 -6.96
CA LYS B 4 6.91 44.09 -7.48
C LYS B 4 6.36 42.73 -7.73
N TYR B 5 5.07 42.65 -7.75
CA TYR B 5 4.53 41.37 -7.97
C TYR B 5 3.36 41.32 -8.87
N ILE B 6 3.29 40.25 -9.62
CA ILE B 6 2.11 40.11 -10.39
C ILE B 6 1.51 38.81 -9.88
N VAL B 7 0.23 38.87 -9.77
CA VAL B 7 -0.50 37.76 -9.27
C VAL B 7 -1.33 37.18 -10.35
N ALA B 8 -1.43 35.87 -10.27
CA ALA B 8 -2.16 35.10 -11.23
C ALA B 8 -3.27 34.32 -10.64
N LEU B 9 -4.43 34.51 -11.23
CA LEU B 9 -5.58 33.76 -10.80
C LEU B 9 -5.89 32.68 -11.83
N ASP B 10 -5.71 31.45 -11.36
CA ASP B 10 -5.91 30.25 -12.14
C ASP B 10 -7.13 29.51 -11.65
N GLN B 11 -8.29 29.83 -12.21
CA GLN B 11 -9.52 29.19 -11.77
C GLN B 11 -9.81 28.00 -12.63
N GLY B 12 -9.49 26.83 -12.07
CA GLY B 12 -9.59 25.57 -12.77
C GLY B 12 -10.85 24.75 -12.62
N THR B 13 -10.91 23.70 -13.44
CA THR B 13 -12.05 22.81 -13.48
C THR B 13 -12.31 22.16 -12.16
N THR B 14 -11.31 22.17 -11.29
CA THR B 14 -11.55 21.46 -10.05
C THR B 14 -10.97 22.08 -8.82
N SER B 15 -10.22 23.16 -9.02
CA SER B 15 -9.52 23.84 -7.98
C SER B 15 -9.09 25.20 -8.44
N SER B 16 -9.27 26.15 -7.55
CA SER B 16 -8.87 27.49 -7.79
C SER B 16 -7.46 27.65 -7.24
N ARG B 17 -6.69 28.48 -7.96
CA ARG B 17 -5.27 28.64 -7.71
C ARG B 17 -4.78 30.08 -7.72
N ALA B 18 -3.61 30.28 -7.12
CA ALA B 18 -3.02 31.62 -7.06
C ALA B 18 -1.52 31.56 -7.09
N VAL B 19 -0.96 32.44 -7.86
CA VAL B 19 0.45 32.40 -7.92
C VAL B 19 1.10 33.74 -7.66
N VAL B 20 2.28 33.71 -7.05
CA VAL B 20 2.94 34.98 -6.91
C VAL B 20 4.24 35.06 -7.67
N MET B 21 4.28 36.11 -8.46
CA MET B 21 5.35 36.36 -9.32
C MET B 21 6.16 37.52 -8.95
N ASP B 22 7.49 37.32 -9.01
CA ASP B 22 8.50 38.36 -8.80
C ASP B 22 9.04 38.81 -10.16
N HIS B 23 9.65 39.99 -10.24
CA HIS B 23 10.15 40.44 -11.54
C HIS B 23 10.99 39.37 -12.23
N ASP B 24 11.59 38.55 -11.40
CA ASP B 24 12.37 37.47 -11.93
C ASP B 24 11.48 36.40 -12.48
N ALA B 25 10.18 36.75 -12.52
CA ALA B 25 9.14 35.86 -12.98
C ALA B 25 9.21 34.53 -12.24
N ASN B 26 9.54 34.60 -10.96
CA ASN B 26 9.64 33.43 -10.12
C ASN B 26 8.36 33.32 -9.37
N ILE B 27 8.03 32.07 -9.00
CA ILE B 27 6.80 31.85 -8.26
C ILE B 27 7.08 32.04 -6.80
N ILE B 28 6.64 33.14 -6.29
CA ILE B 28 6.95 33.45 -4.93
C ILE B 28 6.13 32.63 -4.00
N SER B 29 4.89 32.40 -4.37
CA SER B 29 4.06 31.58 -3.51
C SER B 29 2.89 31.05 -4.26
N VAL B 30 2.32 30.00 -3.70
CA VAL B 30 1.19 29.46 -4.37
C VAL B 30 0.15 28.87 -3.48
N SER B 31 -1.10 29.10 -3.87
CA SER B 31 -2.20 28.58 -3.11
C SER B 31 -3.34 28.00 -3.97
N GLN B 32 -3.85 26.89 -3.44
CA GLN B 32 -4.91 26.11 -4.04
C GLN B 32 -6.10 25.83 -3.14
N ARG B 33 -7.28 25.79 -3.74
CA ARG B 33 -8.50 25.46 -3.03
C ARG B 33 -9.42 24.72 -4.03
N GLU B 34 -9.67 23.47 -3.67
CA GLU B 34 -10.48 22.56 -4.41
C GLU B 34 -11.87 23.01 -4.35
N PHE B 35 -12.79 22.41 -5.14
CA PHE B 35 -14.18 22.74 -5.09
C PHE B 35 -14.99 21.63 -5.71
N GLU B 36 -16.31 21.69 -5.46
CA GLU B 36 -17.21 20.62 -5.82
C GLU B 36 -17.50 20.40 -7.23
N GLN B 37 -17.59 19.14 -7.55
CA GLN B 37 -17.89 18.69 -8.88
C GLN B 37 -19.31 18.19 -8.94
N ILE B 38 -20.20 19.04 -9.29
CA ILE B 38 -21.54 18.54 -9.27
C ILE B 38 -21.98 17.66 -10.41
N TYR B 39 -22.41 16.45 -10.08
CA TYR B 39 -22.93 15.70 -11.20
C TYR B 39 -24.41 15.36 -11.07
N PRO B 40 -25.24 16.36 -11.43
CA PRO B 40 -26.71 16.30 -11.41
C PRO B 40 -27.23 14.97 -11.93
N LYS B 41 -26.48 14.48 -12.87
CA LYS B 41 -26.74 13.23 -13.50
C LYS B 41 -25.61 12.98 -14.45
N PRO B 42 -25.60 11.73 -14.83
CA PRO B 42 -24.58 11.18 -15.64
C PRO B 42 -24.48 11.88 -16.99
N GLY B 43 -23.38 12.60 -17.12
CA GLY B 43 -23.14 13.32 -18.33
C GLY B 43 -23.22 14.75 -17.93
N TRP B 44 -23.76 14.95 -16.74
CA TRP B 44 -23.84 16.30 -16.33
C TRP B 44 -22.79 16.62 -15.39
N VAL B 45 -22.43 17.84 -15.53
CA VAL B 45 -21.35 18.39 -14.79
C VAL B 45 -21.61 19.79 -14.40
N GLU B 46 -21.74 19.98 -13.11
CA GLU B 46 -21.97 21.32 -12.68
C GLU B 46 -20.98 21.80 -11.65
N HIS B 47 -21.03 23.13 -11.48
CA HIS B 47 -20.17 23.87 -10.58
C HIS B 47 -20.88 25.00 -9.81
N ASP B 48 -20.51 25.21 -8.54
CA ASP B 48 -21.11 26.33 -7.85
C ASP B 48 -20.36 27.63 -8.12
N PRO B 49 -20.94 28.44 -8.98
CA PRO B 49 -20.34 29.71 -9.26
C PRO B 49 -19.77 30.33 -8.01
N MET B 50 -20.58 30.29 -6.97
CA MET B 50 -20.16 30.96 -5.80
C MET B 50 -19.00 30.25 -5.19
N GLU B 51 -19.06 28.92 -5.25
CA GLU B 51 -17.91 28.18 -4.75
C GLU B 51 -16.73 28.61 -5.62
N ILE B 52 -16.94 28.51 -6.93
CA ILE B 52 -15.92 29.02 -7.76
C ILE B 52 -15.31 30.32 -7.27
N TRP B 53 -16.14 31.27 -7.23
CA TRP B 53 -15.74 32.54 -6.78
C TRP B 53 -14.98 32.50 -5.48
N ALA B 54 -15.69 32.04 -4.46
CA ALA B 54 -15.11 31.99 -3.13
C ALA B 54 -13.77 31.27 -3.07
N THR B 55 -13.73 30.11 -3.71
CA THR B 55 -12.50 29.36 -3.70
C THR B 55 -11.37 30.15 -4.31
N GLN B 56 -11.78 31.01 -5.27
CA GLN B 56 -10.86 31.81 -6.03
C GLN B 56 -10.48 33.06 -5.30
N SER B 57 -11.36 33.50 -4.43
CA SER B 57 -11.03 34.73 -3.76
C SER B 57 -10.01 34.48 -2.69
N SER B 58 -10.30 33.45 -1.90
CA SER B 58 -9.48 33.07 -0.76
C SER B 58 -8.09 32.73 -1.17
N THR B 59 -7.99 31.95 -2.22
CA THR B 59 -6.68 31.60 -2.72
C THR B 59 -5.92 32.86 -3.02
N LEU B 60 -6.65 33.74 -3.68
CA LEU B 60 -6.07 35.03 -3.94
C LEU B 60 -5.60 35.64 -2.64
N VAL B 61 -6.32 35.48 -1.57
CA VAL B 61 -5.74 36.07 -0.40
C VAL B 61 -4.59 35.31 0.23
N GLU B 62 -4.86 34.02 0.40
CA GLU B 62 -3.96 33.12 1.01
C GLU B 62 -2.58 33.34 0.44
N VAL B 63 -2.51 33.17 -0.86
CA VAL B 63 -1.22 33.24 -1.51
C VAL B 63 -0.45 34.49 -1.07
N LEU B 64 -1.14 35.63 -1.14
CA LEU B 64 -0.58 36.89 -0.73
C LEU B 64 -0.22 36.93 0.72
N ALA B 65 -1.20 36.46 1.49
CA ALA B 65 -1.15 36.33 2.93
C ALA B 65 0.11 35.76 3.50
N LYS B 66 0.33 34.53 3.07
CA LYS B 66 1.46 33.74 3.52
C LYS B 66 2.76 34.29 3.06
N ALA B 67 2.73 34.92 1.92
CA ALA B 67 3.97 35.43 1.44
C ALA B 67 4.34 36.69 2.16
N ASP B 68 3.51 37.10 3.10
CA ASP B 68 3.78 38.35 3.76
C ASP B 68 3.91 39.44 2.70
N ILE B 69 2.96 39.40 1.77
CA ILE B 69 2.83 40.37 0.73
C ILE B 69 1.57 41.19 0.88
N SER B 70 1.79 42.50 0.77
CA SER B 70 0.77 43.51 0.93
C SER B 70 0.20 43.90 -0.39
N SER B 71 -1.11 44.09 -0.38
CA SER B 71 -1.82 44.51 -1.59
C SER B 71 -1.02 45.49 -2.45
N ASP B 72 -0.46 46.49 -1.76
CA ASP B 72 0.32 47.52 -2.37
C ASP B 72 1.59 47.07 -3.06
N GLN B 73 1.88 45.79 -3.22
CA GLN B 73 3.09 45.43 -3.97
C GLN B 73 2.68 44.60 -5.18
N ILE B 74 1.38 44.47 -5.32
CA ILE B 74 0.87 43.74 -6.44
C ILE B 74 0.77 44.57 -7.66
N ALA B 75 1.79 44.49 -8.49
CA ALA B 75 1.77 45.19 -9.75
C ALA B 75 0.43 45.05 -10.50
N ALA B 76 -0.12 43.83 -10.58
CA ALA B 76 -1.41 43.56 -11.22
C ALA B 76 -1.81 42.10 -11.23
N ILE B 77 -3.02 41.87 -11.68
CA ILE B 77 -3.52 40.54 -11.73
C ILE B 77 -3.83 40.03 -13.08
N GLY B 78 -3.40 38.83 -13.27
CA GLY B 78 -3.73 38.14 -14.50
C GLY B 78 -4.81 37.09 -14.21
N ILE B 79 -5.77 36.98 -15.10
CA ILE B 79 -6.79 36.00 -14.88
C ILE B 79 -6.85 34.93 -15.97
N THR B 80 -6.77 33.67 -15.56
CA THR B 80 -6.92 32.57 -16.51
C THR B 80 -7.99 31.56 -16.08
N ASN B 81 -8.69 30.96 -16.99
CA ASN B 81 -9.69 30.06 -16.48
C ASN B 81 -10.08 28.84 -17.31
N GLN B 82 -11.04 28.05 -16.77
CA GLN B 82 -11.60 26.89 -17.47
C GLN B 82 -12.49 27.39 -18.63
N ARG B 83 -12.07 26.95 -19.76
CA ARG B 83 -12.53 27.46 -20.98
C ARG B 83 -13.93 27.25 -21.40
N GLU B 84 -14.69 26.33 -20.99
CA GLU B 84 -15.96 26.43 -21.65
C GLU B 84 -17.12 26.80 -20.78
N THR B 85 -16.94 26.46 -19.51
CA THR B 85 -17.92 26.62 -18.45
C THR B 85 -18.69 27.93 -18.53
N THR B 86 -19.99 27.76 -18.63
CA THR B 86 -20.95 28.81 -18.80
C THR B 86 -21.72 29.29 -17.56
N ILE B 87 -21.86 30.62 -17.46
CA ILE B 87 -22.59 31.23 -16.37
C ILE B 87 -23.51 32.39 -16.69
N VAL B 88 -24.64 32.35 -15.99
CA VAL B 88 -25.63 33.37 -16.11
C VAL B 88 -26.19 33.87 -14.78
N TRP B 89 -26.10 35.20 -14.61
CA TRP B 89 -26.58 35.77 -13.38
C TRP B 89 -27.29 37.08 -13.47
N GLU B 90 -27.86 37.40 -12.30
CA GLU B 90 -28.62 38.58 -12.06
C GLU B 90 -27.73 39.73 -12.13
N LYS B 91 -28.02 40.59 -13.09
CA LYS B 91 -27.20 41.74 -13.25
C LYS B 91 -27.17 42.50 -11.98
N GLU B 92 -28.29 42.43 -11.27
CA GLU B 92 -28.38 43.23 -10.09
C GLU B 92 -27.77 42.59 -8.90
N THR B 93 -28.30 41.44 -8.56
CA THR B 93 -27.80 40.68 -7.45
C THR B 93 -26.44 40.05 -7.64
N GLY B 94 -26.20 39.58 -8.84
CA GLY B 94 -24.97 38.87 -9.10
C GLY B 94 -25.22 37.44 -8.70
N LYS B 95 -26.49 37.13 -8.71
CA LYS B 95 -26.92 35.82 -8.38
C LYS B 95 -27.14 35.06 -9.68
N PRO B 96 -26.64 33.87 -9.67
CA PRO B 96 -26.71 33.03 -10.82
C PRO B 96 -28.08 32.47 -10.95
N ILE B 97 -28.66 32.61 -12.10
CA ILE B 97 -29.96 31.98 -12.19
C ILE B 97 -29.75 30.49 -12.31
N TYR B 98 -28.48 30.07 -12.33
CA TYR B 98 -28.12 28.67 -12.47
C TYR B 98 -26.64 28.36 -12.39
N ASN B 99 -26.37 27.23 -11.75
CA ASN B 99 -25.05 26.64 -11.63
C ASN B 99 -24.25 26.72 -12.86
N ALA B 100 -22.95 26.77 -12.70
CA ALA B 100 -22.14 26.77 -13.89
C ALA B 100 -22.26 25.45 -14.61
N ILE B 101 -22.42 25.53 -15.93
CA ILE B 101 -22.41 24.31 -16.73
C ILE B 101 -20.96 24.13 -17.17
N VAL B 102 -20.37 23.02 -16.75
CA VAL B 102 -18.97 22.88 -17.02
C VAL B 102 -18.74 22.57 -18.47
N TRP B 103 -17.57 22.97 -18.94
CA TRP B 103 -17.30 22.63 -20.32
C TRP B 103 -17.60 21.18 -20.61
N GLN B 104 -17.35 20.30 -19.67
CA GLN B 104 -17.64 18.91 -19.92
C GLN B 104 -19.07 18.52 -20.09
N CYS B 105 -19.94 19.13 -19.30
CA CYS B 105 -21.34 18.73 -19.30
C CYS B 105 -21.93 18.51 -20.69
N ARG B 106 -22.41 17.28 -20.85
CA ARG B 106 -23.02 16.85 -22.10
C ARG B 106 -24.52 17.12 -22.30
N ARG B 107 -25.17 17.87 -21.44
CA ARG B 107 -26.60 17.98 -21.66
C ARG B 107 -27.02 18.65 -22.99
N THR B 108 -26.28 19.67 -23.46
CA THR B 108 -26.69 20.36 -24.68
C THR B 108 -26.67 19.56 -25.96
N ALA B 109 -26.41 18.27 -25.89
CA ALA B 109 -26.45 17.44 -27.08
C ALA B 109 -27.52 17.73 -28.13
N GLU B 110 -28.76 17.36 -27.77
CA GLU B 110 -29.86 17.53 -28.72
C GLU B 110 -29.76 18.75 -29.53
N ILE B 111 -29.77 19.82 -28.76
CA ILE B 111 -29.56 21.06 -29.33
C ILE B 111 -28.64 20.89 -30.44
N CYS B 112 -27.42 20.53 -30.04
CA CYS B 112 -26.36 20.30 -30.97
C CYS B 112 -26.89 19.51 -32.13
N GLU B 113 -27.68 18.48 -31.83
CA GLU B 113 -28.25 17.63 -32.88
C GLU B 113 -29.19 18.36 -33.80
N HIS B 114 -29.68 19.49 -33.38
CA HIS B 114 -30.45 20.26 -34.30
C HIS B 114 -29.44 21.01 -35.08
N LEU B 115 -28.74 21.90 -34.42
CA LEU B 115 -27.67 22.54 -35.13
C LEU B 115 -27.21 21.68 -36.28
N LYS B 116 -26.80 20.45 -35.93
CA LYS B 116 -26.29 19.48 -36.89
C LYS B 116 -27.26 19.43 -38.05
N ARG B 117 -28.46 19.00 -37.70
CA ARG B 117 -29.61 18.89 -38.57
C ARG B 117 -29.91 20.12 -39.42
N ASP B 118 -29.89 21.29 -38.82
CA ASP B 118 -30.19 22.45 -39.61
C ASP B 118 -28.91 22.85 -40.36
N GLY B 119 -27.99 21.89 -40.48
CA GLY B 119 -26.71 22.03 -41.18
C GLY B 119 -25.96 23.36 -41.11
N LEU B 120 -25.39 23.65 -39.95
CA LEU B 120 -24.60 24.85 -39.78
C LEU B 120 -23.16 24.49 -39.58
N GLU B 121 -22.93 23.18 -39.65
CA GLU B 121 -21.63 22.65 -39.49
C GLU B 121 -20.61 23.62 -40.05
N ASP B 122 -20.78 23.88 -41.33
CA ASP B 122 -19.84 24.69 -42.02
C ASP B 122 -19.86 26.06 -41.42
N TYR B 123 -20.86 26.81 -41.66
CA TYR B 123 -20.88 28.11 -41.02
C TYR B 123 -20.12 28.22 -39.66
N ILE B 124 -20.43 27.32 -38.72
CA ILE B 124 -19.81 27.37 -37.42
C ILE B 124 -18.32 27.26 -37.48
N ARG B 125 -17.93 26.10 -37.95
CA ARG B 125 -16.56 25.84 -38.14
C ARG B 125 -15.96 27.00 -38.90
N SER B 126 -16.78 27.54 -39.76
CA SER B 126 -16.35 28.65 -40.56
C SER B 126 -16.22 29.96 -39.78
N ASN B 127 -17.18 30.30 -38.97
CA ASN B 127 -17.01 31.58 -38.40
C ASN B 127 -16.46 31.52 -37.00
N THR B 128 -16.73 30.39 -36.36
CA THR B 128 -16.29 30.15 -35.01
C THR B 128 -15.11 29.28 -34.99
N GLY B 129 -14.98 28.54 -36.06
CA GLY B 129 -13.88 27.63 -36.11
C GLY B 129 -14.09 26.46 -35.17
N LEU B 130 -15.29 26.42 -34.61
CA LEU B 130 -15.66 25.40 -33.66
C LEU B 130 -16.32 24.26 -34.31
N VAL B 131 -16.31 23.17 -33.59
CA VAL B 131 -17.02 21.97 -33.96
C VAL B 131 -18.35 21.95 -33.21
N ILE B 132 -19.33 21.24 -33.76
CA ILE B 132 -20.63 21.15 -33.10
C ILE B 132 -20.59 20.28 -31.86
N ASP B 133 -20.68 20.94 -30.71
CA ASP B 133 -20.58 20.23 -29.47
C ASP B 133 -21.03 20.92 -28.21
N PRO B 134 -21.45 20.04 -27.33
CA PRO B 134 -21.88 20.44 -26.03
C PRO B 134 -20.72 21.05 -25.31
N TYR B 135 -19.51 20.74 -25.78
CA TYR B 135 -18.32 21.26 -25.16
C TYR B 135 -18.43 22.77 -24.99
N PHE B 136 -18.77 23.44 -26.10
CA PHE B 136 -18.87 24.88 -26.07
C PHE B 136 -20.19 25.44 -25.60
N SER B 137 -20.00 26.69 -25.20
CA SER B 137 -20.89 27.67 -24.60
C SER B 137 -22.29 27.91 -25.15
N GLY B 138 -22.47 28.10 -26.46
CA GLY B 138 -23.83 28.41 -26.94
C GLY B 138 -24.94 27.52 -26.32
N THR B 139 -24.92 26.25 -26.82
CA THR B 139 -25.76 25.16 -26.40
C THR B 139 -26.08 25.32 -24.93
N LYS B 140 -25.00 25.52 -24.16
CA LYS B 140 -25.07 25.75 -22.73
C LYS B 140 -25.99 26.96 -22.38
N VAL B 141 -25.57 28.18 -22.76
CA VAL B 141 -26.37 29.37 -22.48
C VAL B 141 -27.84 29.20 -22.79
N LYS B 142 -28.07 28.86 -24.04
CA LYS B 142 -29.42 28.63 -24.44
C LYS B 142 -30.05 27.68 -23.43
N TRP B 143 -29.49 26.48 -23.32
CA TRP B 143 -30.09 25.54 -22.40
C TRP B 143 -30.59 26.23 -21.16
N ILE B 144 -29.67 26.87 -20.48
CA ILE B 144 -30.06 27.60 -19.30
C ILE B 144 -31.34 28.32 -19.53
N LEU B 145 -31.22 29.26 -20.45
CA LEU B 145 -32.31 30.09 -20.93
C LEU B 145 -33.57 29.32 -21.10
N ASP B 146 -33.46 28.31 -21.92
CA ASP B 146 -34.62 27.56 -22.13
C ASP B 146 -35.07 26.96 -20.84
N HIS B 147 -34.16 26.52 -20.00
CA HIS B 147 -34.68 25.89 -18.80
C HIS B 147 -35.11 26.87 -17.70
N VAL B 148 -34.74 28.12 -17.77
CA VAL B 148 -35.17 29.02 -16.71
C VAL B 148 -36.13 30.14 -17.06
N GLU B 149 -37.42 29.77 -17.17
CA GLU B 149 -38.55 30.65 -17.41
C GLU B 149 -38.46 31.99 -18.14
N GLY B 150 -38.53 33.07 -17.32
CA GLY B 150 -38.50 34.46 -17.80
C GLY B 150 -37.25 34.73 -18.63
N SER B 151 -36.14 34.66 -17.92
CA SER B 151 -34.80 34.75 -18.45
C SER B 151 -34.67 35.54 -19.73
N ARG B 152 -35.01 34.84 -20.84
CA ARG B 152 -34.91 35.40 -22.16
C ARG B 152 -35.23 36.87 -22.10
N GLU B 153 -36.46 37.12 -21.68
CA GLU B 153 -36.90 38.46 -21.58
C GLU B 153 -35.95 39.23 -20.74
N ARG B 154 -35.88 38.80 -19.50
CA ARG B 154 -34.98 39.46 -18.59
C ARG B 154 -33.62 39.68 -19.20
N ALA B 155 -33.29 38.77 -20.08
CA ALA B 155 -32.07 38.81 -20.81
C ALA B 155 -32.13 39.98 -21.71
N ARG B 156 -33.15 39.93 -22.59
CA ARG B 156 -33.41 41.01 -23.50
C ARG B 156 -33.37 42.33 -22.75
N ARG B 157 -33.98 42.32 -21.57
CA ARG B 157 -34.03 43.46 -20.68
C ARG B 157 -32.64 43.87 -20.23
N GLY B 158 -31.78 42.85 -20.15
CA GLY B 158 -30.39 42.98 -19.76
C GLY B 158 -30.25 42.92 -18.26
N GLU B 159 -31.15 42.22 -17.60
CA GLU B 159 -31.09 42.07 -16.17
C GLU B 159 -30.22 40.91 -15.75
N LEU B 160 -29.92 40.08 -16.77
CA LEU B 160 -29.08 38.90 -16.71
C LEU B 160 -27.85 38.97 -17.60
N LEU B 161 -26.73 38.51 -17.06
CA LEU B 161 -25.52 38.47 -17.83
C LEU B 161 -25.02 37.08 -17.98
N PHE B 162 -24.36 36.95 -19.09
CA PHE B 162 -23.78 35.70 -19.38
C PHE B 162 -22.31 35.86 -19.18
N GLY B 163 -21.62 34.78 -18.83
CA GLY B 163 -20.19 34.86 -18.67
C GLY B 163 -19.48 33.53 -18.48
N THR B 164 -18.22 33.57 -18.94
CA THR B 164 -17.23 32.52 -18.85
C THR B 164 -16.48 32.81 -17.60
N VAL B 165 -15.89 31.79 -17.02
CA VAL B 165 -15.30 32.03 -15.71
C VAL B 165 -14.50 33.31 -15.55
N ASP B 166 -13.70 33.56 -16.53
CA ASP B 166 -12.96 34.76 -16.55
C ASP B 166 -13.88 35.91 -16.31
N THR B 167 -14.93 36.04 -17.15
CA THR B 167 -15.82 37.17 -16.95
C THR B 167 -16.39 37.32 -15.55
N TRP B 168 -16.91 36.21 -15.06
CA TRP B 168 -17.52 36.14 -13.76
C TRP B 168 -16.59 36.66 -12.69
N LEU B 169 -15.40 36.11 -12.73
CA LEU B 169 -14.46 36.50 -11.73
C LEU B 169 -14.32 37.98 -11.64
N ILE B 170 -14.01 38.50 -12.81
CA ILE B 170 -13.74 39.88 -13.02
C ILE B 170 -14.82 40.72 -12.41
N TRP B 171 -15.99 40.44 -12.90
CA TRP B 171 -17.16 41.05 -12.43
C TRP B 171 -17.19 41.08 -10.95
N LYS B 172 -17.18 39.89 -10.36
CA LYS B 172 -17.16 39.86 -8.93
C LYS B 172 -16.02 40.68 -8.36
N MET B 173 -14.88 40.44 -8.91
CA MET B 173 -13.73 41.16 -8.49
C MET B 173 -13.89 42.67 -8.52
N THR B 174 -14.57 43.13 -9.54
CA THR B 174 -14.81 44.53 -9.75
C THR B 174 -16.13 44.94 -9.24
N GLN B 175 -16.81 44.02 -8.62
CA GLN B 175 -18.15 44.37 -8.16
C GLN B 175 -19.09 44.84 -9.25
N GLY B 176 -19.36 43.97 -10.23
CA GLY B 176 -20.30 44.26 -11.30
C GLY B 176 -19.91 45.45 -12.12
N ARG B 177 -18.77 46.02 -11.76
CA ARG B 177 -18.19 47.13 -12.45
C ARG B 177 -17.72 46.68 -13.85
N VAL B 178 -17.13 45.47 -14.01
CA VAL B 178 -16.63 45.08 -15.34
C VAL B 178 -17.09 43.74 -15.91
N HIS B 179 -17.74 43.84 -17.05
CA HIS B 179 -18.27 42.68 -17.77
C HIS B 179 -17.67 42.53 -19.14
N VAL B 180 -16.50 41.94 -19.10
CA VAL B 180 -15.64 41.74 -20.20
C VAL B 180 -15.10 40.36 -20.22
N THR B 181 -14.55 40.01 -21.37
CA THR B 181 -13.82 38.79 -21.63
C THR B 181 -12.83 39.06 -22.72
N ASP B 182 -11.84 38.21 -22.86
CA ASP B 182 -10.86 38.36 -23.93
C ASP B 182 -11.28 37.58 -25.14
N TYR B 183 -10.44 37.62 -26.12
CA TYR B 183 -10.70 36.90 -27.35
C TYR B 183 -10.79 35.41 -27.23
N THR B 184 -9.67 34.87 -26.78
CA THR B 184 -9.51 33.46 -26.53
C THR B 184 -10.75 32.88 -25.89
N ASN B 185 -11.19 33.53 -24.84
CA ASN B 185 -12.32 32.98 -24.18
C ASN B 185 -13.56 32.97 -25.05
N ALA B 186 -13.84 34.11 -25.65
CA ALA B 186 -15.01 34.19 -26.50
C ALA B 186 -15.00 33.27 -27.69
N SER B 187 -13.81 33.09 -28.22
CA SER B 187 -13.64 32.26 -29.37
C SER B 187 -14.22 30.88 -29.19
N ARG B 188 -14.51 30.57 -27.93
CA ARG B 188 -14.93 29.27 -27.50
C ARG B 188 -16.38 29.14 -27.21
N THR B 189 -17.06 30.24 -27.27
CA THR B 189 -18.48 30.23 -26.98
C THR B 189 -19.29 29.74 -28.12
N MET B 190 -18.65 29.84 -29.29
CA MET B 190 -19.36 29.50 -30.48
C MET B 190 -20.29 30.66 -30.82
N LEU B 191 -20.16 31.76 -30.09
CA LEU B 191 -21.01 32.90 -30.41
C LEU B 191 -20.23 34.06 -30.92
N PHE B 192 -18.94 33.85 -31.02
CA PHE B 192 -18.10 34.92 -31.42
C PHE B 192 -17.36 34.59 -32.67
N ASN B 193 -17.24 35.58 -33.59
CA ASN B 193 -16.55 35.43 -34.89
C ASN B 193 -15.07 35.73 -34.79
N ILE B 194 -14.28 34.70 -35.08
CA ILE B 194 -12.88 34.81 -34.90
C ILE B 194 -12.18 35.50 -36.03
N HIS B 195 -12.92 35.84 -37.08
CA HIS B 195 -12.28 36.55 -38.17
C HIS B 195 -12.59 37.99 -37.94
N THR B 196 -13.88 38.14 -37.87
CA THR B 196 -14.56 39.34 -37.56
C THR B 196 -14.07 39.95 -36.28
N LEU B 197 -14.01 39.07 -35.30
CA LEU B 197 -13.62 39.44 -33.98
C LEU B 197 -14.73 40.12 -33.31
N ASP B 198 -15.93 39.54 -33.47
CA ASP B 198 -17.14 40.06 -32.84
C ASP B 198 -18.27 39.06 -32.88
N TRP B 199 -19.19 39.20 -31.92
CA TRP B 199 -20.36 38.36 -31.79
C TRP B 199 -20.99 38.12 -33.11
N ASP B 200 -21.26 36.86 -33.34
CA ASP B 200 -21.83 36.41 -34.58
C ASP B 200 -23.31 36.39 -34.45
N ASP B 201 -23.84 37.37 -35.12
CA ASP B 201 -25.24 37.64 -35.09
C ASP B 201 -26.00 36.40 -35.43
N LYS B 202 -25.55 35.68 -36.44
CA LYS B 202 -26.29 34.48 -36.75
C LYS B 202 -26.36 33.62 -35.53
N MET B 203 -25.26 33.00 -35.21
CA MET B 203 -25.22 32.21 -34.00
C MET B 203 -26.26 32.67 -33.01
N LEU B 204 -26.05 33.89 -32.55
CA LEU B 204 -26.93 34.50 -31.59
C LEU B 204 -28.40 34.22 -31.91
N GLU B 205 -28.73 34.44 -33.18
CA GLU B 205 -30.02 34.19 -33.79
C GLU B 205 -30.46 32.81 -33.50
N VAL B 206 -29.57 31.97 -33.98
CA VAL B 206 -29.63 30.55 -33.91
C VAL B 206 -30.01 30.03 -32.55
N LEU B 207 -29.18 30.46 -31.61
CA LEU B 207 -29.28 30.04 -30.24
C LEU B 207 -30.26 30.84 -29.45
N ASP B 208 -30.68 31.94 -30.03
CA ASP B 208 -31.63 32.79 -29.37
C ASP B 208 -30.96 33.46 -28.19
N ILE B 209 -29.99 34.24 -28.46
CA ILE B 209 -29.38 34.84 -27.32
C ILE B 209 -29.35 36.35 -27.43
N PRO B 210 -29.59 36.93 -26.29
CA PRO B 210 -29.71 38.34 -26.18
C PRO B 210 -28.39 39.01 -26.07
N ARG B 211 -28.03 39.68 -27.13
CA ARG B 211 -26.78 40.41 -27.22
C ARG B 211 -26.52 41.25 -25.98
N GLU B 212 -27.58 41.51 -25.24
CA GLU B 212 -27.49 42.25 -24.01
C GLU B 212 -26.84 41.51 -22.86
N MET B 213 -26.65 40.21 -23.00
CA MET B 213 -26.03 39.50 -21.91
C MET B 213 -24.59 39.29 -22.16
N LEU B 214 -24.22 39.41 -23.43
CA LEU B 214 -22.83 39.26 -23.80
C LEU B 214 -22.10 40.41 -23.20
N PRO B 215 -20.84 40.15 -22.96
CA PRO B 215 -20.00 41.09 -22.33
C PRO B 215 -19.28 41.77 -23.41
N GLU B 216 -18.07 42.14 -23.04
CA GLU B 216 -17.24 42.85 -23.95
C GLU B 216 -15.93 42.21 -24.14
N VAL B 217 -15.72 41.74 -25.35
CA VAL B 217 -14.48 41.11 -25.74
C VAL B 217 -13.36 42.10 -25.80
N ARG B 218 -12.27 41.78 -25.16
CA ARG B 218 -11.17 42.68 -25.15
C ARG B 218 -9.92 41.85 -25.26
N ARG B 219 -8.79 42.52 -25.33
CA ARG B 219 -7.66 41.68 -25.49
C ARG B 219 -7.07 41.25 -24.18
N SER B 220 -6.62 40.05 -24.33
CA SER B 220 -6.02 39.23 -23.37
C SER B 220 -4.95 39.95 -22.59
N SER B 221 -4.16 40.82 -23.19
CA SER B 221 -3.20 41.44 -22.34
C SER B 221 -3.32 42.93 -22.25
N GLU B 222 -4.38 43.40 -21.57
CA GLU B 222 -4.62 44.84 -21.37
C GLU B 222 -5.33 45.14 -20.07
N VAL B 223 -5.13 46.32 -19.52
CA VAL B 223 -5.83 46.63 -18.28
C VAL B 223 -7.32 46.75 -18.37
N TYR B 224 -8.03 45.90 -17.67
CA TYR B 224 -9.45 45.96 -17.71
C TYR B 224 -10.07 46.62 -16.47
N GLY B 225 -9.26 46.94 -15.48
CA GLY B 225 -9.83 47.57 -14.29
C GLY B 225 -9.07 47.16 -13.05
N GLN B 226 -9.77 47.30 -11.92
CA GLN B 226 -9.13 46.93 -10.70
C GLN B 226 -10.02 46.40 -9.65
N THR B 227 -9.35 45.91 -8.65
CA THR B 227 -10.03 45.30 -7.56
C THR B 227 -9.37 45.79 -6.32
N ASN B 228 -10.19 45.97 -5.29
CA ASN B 228 -9.67 46.40 -4.03
C ASN B 228 -9.81 45.29 -3.06
N ILE B 229 -8.80 45.06 -2.26
CA ILE B 229 -9.05 43.96 -1.36
C ILE B 229 -8.73 44.21 0.08
N GLY B 230 -8.20 45.37 0.32
CA GLY B 230 -7.89 45.65 1.69
C GLY B 230 -6.45 46.00 1.75
N GLY B 231 -5.92 45.95 2.96
CA GLY B 231 -4.53 46.32 3.18
C GLY B 231 -4.44 47.84 3.30
N LYS B 232 -3.47 48.47 2.64
CA LYS B 232 -3.43 49.92 2.73
C LYS B 232 -4.75 50.52 2.26
N GLY B 233 -5.12 51.66 2.85
CA GLY B 233 -6.36 52.37 2.53
C GLY B 233 -6.42 52.78 1.07
N GLY B 234 -7.53 52.42 0.40
CA GLY B 234 -7.69 52.72 -1.02
C GLY B 234 -6.60 52.13 -1.95
N THR B 235 -6.18 50.90 -1.68
CA THR B 235 -5.19 50.28 -2.51
C THR B 235 -5.94 49.39 -3.47
N ARG B 236 -5.68 49.64 -4.75
CA ARG B 236 -6.31 48.92 -5.82
C ARG B 236 -5.36 48.20 -6.74
N ILE B 237 -5.83 47.05 -7.19
CA ILE B 237 -5.04 46.31 -8.13
C ILE B 237 -5.82 46.07 -9.38
N PRO B 238 -5.07 46.41 -10.38
CA PRO B 238 -5.34 46.31 -11.77
C PRO B 238 -5.37 44.87 -12.27
N ILE B 239 -6.27 44.69 -13.21
CA ILE B 239 -6.45 43.43 -13.90
C ILE B 239 -6.20 43.70 -15.38
N SER B 240 -5.16 43.11 -15.89
CA SER B 240 -4.79 43.38 -17.25
C SER B 240 -4.39 42.14 -18.02
N GLY B 241 -4.87 40.98 -17.57
CA GLY B 241 -4.49 39.76 -18.24
C GLY B 241 -5.67 38.84 -18.29
N ILE B 242 -5.93 38.26 -19.46
CA ILE B 242 -7.02 37.34 -19.61
C ILE B 242 -6.87 36.29 -20.67
N ALA B 243 -6.94 35.05 -20.23
CA ALA B 243 -6.87 33.98 -21.21
C ALA B 243 -7.38 32.63 -20.75
N GLY B 244 -7.82 31.89 -21.75
CA GLY B 244 -8.26 30.53 -21.55
C GLY B 244 -7.08 29.76 -20.98
N ASP B 245 -7.34 29.05 -19.93
CA ASP B 245 -6.28 28.33 -19.31
C ASP B 245 -5.40 27.73 -20.39
N GLN B 246 -6.09 27.19 -21.38
CA GLN B 246 -5.43 26.51 -22.47
C GLN B 246 -4.52 27.42 -23.25
N GLN B 247 -4.92 28.66 -23.47
CA GLN B 247 -4.07 29.57 -24.19
C GLN B 247 -3.12 30.24 -23.25
N ALA B 248 -3.52 30.30 -22.01
CA ALA B 248 -2.65 30.87 -21.02
C ALA B 248 -1.39 30.00 -20.98
N ALA B 249 -1.65 28.71 -21.08
CA ALA B 249 -0.59 27.76 -21.10
C ALA B 249 0.36 28.06 -22.24
N LEU B 250 -0.22 28.09 -23.45
CA LEU B 250 0.52 28.41 -24.68
C LEU B 250 1.51 29.57 -24.52
N PHE B 251 0.95 30.70 -24.14
CA PHE B 251 1.70 31.90 -23.90
C PHE B 251 2.87 31.66 -22.97
N GLY B 252 2.59 31.20 -21.75
CA GLY B 252 3.65 30.89 -20.80
C GLY B 252 4.68 29.96 -21.43
N GLN B 253 4.23 29.22 -22.41
CA GLN B 253 5.13 28.32 -23.09
C GLN B 253 5.94 29.14 -24.10
N LEU B 254 5.49 30.38 -24.23
CA LEU B 254 6.10 31.29 -25.15
C LEU B 254 5.86 30.78 -26.58
N CYS B 255 4.84 29.95 -26.77
CA CYS B 255 4.54 29.51 -28.12
C CYS B 255 3.79 30.62 -28.78
N VAL B 256 4.57 31.62 -29.17
CA VAL B 256 4.03 32.82 -29.73
C VAL B 256 4.40 33.01 -31.24
N LYS B 257 5.05 31.97 -31.77
CA LYS B 257 5.42 31.90 -33.17
C LYS B 257 4.65 30.80 -33.79
N GLU B 258 4.23 30.98 -35.03
CA GLU B 258 3.44 29.95 -35.62
C GLU B 258 4.18 28.68 -35.56
N GLY B 259 3.46 27.60 -35.44
CA GLY B 259 4.11 26.32 -35.40
C GLY B 259 4.36 25.83 -34.01
N MET B 260 4.47 26.77 -33.10
CA MET B 260 4.70 26.35 -31.75
C MET B 260 3.48 25.77 -31.11
N ALA B 261 3.73 24.67 -30.40
CA ALA B 261 2.68 23.96 -29.72
C ALA B 261 3.10 23.40 -28.36
N LYS B 262 2.06 22.97 -27.66
CA LYS B 262 2.18 22.38 -26.37
C LYS B 262 1.10 21.42 -26.12
N ASN B 263 1.37 20.55 -25.18
CA ASN B 263 0.38 19.64 -24.72
C ASN B 263 0.21 19.74 -23.23
N THR B 264 -0.87 20.32 -22.83
CA THR B 264 -1.13 20.43 -21.41
C THR B 264 -1.81 19.22 -20.79
N TYR B 265 -1.26 18.80 -19.67
CA TYR B 265 -1.79 17.61 -19.03
C TYR B 265 -2.57 17.98 -17.79
N GLY B 266 -3.86 18.24 -17.99
CA GLY B 266 -4.75 18.68 -16.92
C GLY B 266 -6.00 17.84 -16.65
N THR B 267 -7.12 18.51 -16.41
CA THR B 267 -8.29 17.74 -16.08
C THR B 267 -8.49 16.78 -17.21
N GLY B 268 -8.16 17.34 -18.37
CA GLY B 268 -8.20 16.73 -19.65
C GLY B 268 -6.93 17.11 -20.34
N CYS B 269 -6.86 16.98 -21.66
CA CYS B 269 -5.67 17.28 -22.38
C CYS B 269 -5.91 18.33 -23.40
N PHE B 270 -4.95 19.22 -23.46
CA PHE B 270 -5.08 20.30 -24.40
C PHE B 270 -3.77 20.57 -25.07
N MET B 271 -3.79 20.26 -26.36
CA MET B 271 -2.65 20.49 -27.19
C MET B 271 -3.03 21.54 -28.24
N LEU B 272 -2.21 22.58 -28.23
CA LEU B 272 -2.40 23.72 -29.09
C LEU B 272 -1.18 24.14 -29.85
N MET B 273 -1.39 24.58 -31.09
CA MET B 273 -0.27 25.07 -31.86
C MET B 273 -0.57 26.43 -32.44
N ASN B 274 0.23 27.38 -32.03
CA ASN B 274 0.13 28.71 -32.50
C ASN B 274 0.14 28.68 -34.03
N THR B 275 -0.92 29.13 -34.66
CA THR B 275 -0.90 29.16 -36.11
C THR B 275 -0.71 30.58 -36.54
N GLY B 276 0.01 31.31 -35.69
CA GLY B 276 0.35 32.68 -35.96
C GLY B 276 -0.84 33.64 -36.02
N GLU B 277 -0.83 34.41 -37.10
CA GLU B 277 -1.79 35.45 -37.37
C GLU B 277 -2.80 35.06 -38.41
N LYS B 278 -2.87 33.77 -38.65
CA LYS B 278 -3.76 33.24 -39.63
C LYS B 278 -4.42 31.99 -39.18
N ALA B 279 -5.70 32.03 -39.37
CA ALA B 279 -6.53 30.92 -39.00
C ALA B 279 -6.31 29.73 -39.87
N VAL B 280 -6.03 28.60 -39.28
CA VAL B 280 -5.89 27.44 -40.14
C VAL B 280 -7.04 26.43 -39.96
N LYS B 281 -7.71 26.11 -41.07
CA LYS B 281 -8.84 25.19 -41.08
C LYS B 281 -8.44 23.78 -40.71
N SER B 282 -9.14 23.14 -39.78
CA SER B 282 -8.71 21.81 -39.43
C SER B 282 -9.42 20.77 -40.27
N GLU B 283 -8.63 19.92 -40.89
CA GLU B 283 -9.20 18.92 -41.75
C GLU B 283 -9.26 17.62 -41.04
N ASN B 284 -8.88 17.66 -39.79
CA ASN B 284 -8.86 16.43 -39.07
C ASN B 284 -9.60 16.50 -37.73
N GLY B 285 -10.65 17.30 -37.66
CA GLY B 285 -11.45 17.35 -36.46
C GLY B 285 -10.74 17.92 -35.27
N LEU B 286 -9.97 18.90 -35.60
CA LEU B 286 -9.33 19.64 -34.59
C LEU B 286 -10.10 20.91 -34.57
N LEU B 287 -9.72 21.79 -33.63
CA LEU B 287 -10.35 23.09 -33.50
C LEU B 287 -9.48 24.19 -33.96
N THR B 288 -10.13 25.25 -34.43
CA THR B 288 -9.43 26.47 -34.80
C THR B 288 -9.75 27.54 -33.77
N THR B 289 -8.77 28.08 -33.05
CA THR B 289 -9.19 29.11 -32.13
C THR B 289 -8.16 30.24 -31.96
N ILE B 290 -8.60 31.25 -31.22
CA ILE B 290 -7.77 32.40 -31.02
C ILE B 290 -6.75 32.19 -29.97
N ALA B 291 -5.59 32.74 -30.24
CA ALA B 291 -4.55 32.62 -29.28
C ALA B 291 -3.80 33.96 -29.17
N CYS B 292 -2.72 33.94 -28.36
CA CYS B 292 -1.96 35.16 -28.08
C CYS B 292 -0.67 35.43 -28.81
N GLY B 293 -0.69 36.45 -29.61
CA GLY B 293 0.53 36.80 -30.23
C GLY B 293 1.41 37.39 -29.16
N PRO B 294 2.66 37.26 -29.41
CA PRO B 294 3.78 37.78 -28.65
C PRO B 294 3.57 38.96 -27.76
N THR B 295 2.46 39.62 -27.92
CA THR B 295 2.24 40.81 -27.15
C THR B 295 0.79 40.90 -26.77
N GLY B 296 0.15 39.75 -26.76
CA GLY B 296 -1.22 39.74 -26.40
C GLY B 296 -2.05 40.07 -27.63
N GLU B 297 -1.40 40.05 -28.77
CA GLU B 297 -2.08 40.29 -30.03
C GLU B 297 -2.88 39.06 -30.41
N VAL B 298 -3.97 39.20 -31.12
CA VAL B 298 -4.59 37.94 -31.41
C VAL B 298 -3.84 37.10 -32.41
N ASN B 299 -3.91 35.81 -32.19
CA ASN B 299 -3.29 34.87 -33.03
C ASN B 299 -4.29 33.78 -33.18
N TYR B 300 -3.76 32.68 -33.63
CA TYR B 300 -4.47 31.47 -33.77
C TYR B 300 -3.67 30.24 -33.41
N ALA B 301 -4.46 29.21 -33.36
CA ALA B 301 -3.92 27.94 -33.11
C ALA B 301 -4.86 26.90 -33.52
N LEU B 302 -4.32 25.74 -33.54
CA LEU B 302 -5.05 24.60 -33.84
C LEU B 302 -5.21 23.97 -32.47
N GLU B 303 -6.35 23.39 -32.21
CA GLU B 303 -6.47 22.80 -30.90
C GLU B 303 -7.19 21.49 -30.89
N GLY B 304 -6.57 20.59 -30.16
CA GLY B 304 -7.11 19.29 -29.88
C GLY B 304 -7.55 19.27 -28.41
N ALA B 305 -8.84 19.06 -28.17
CA ALA B 305 -9.36 19.02 -26.81
C ALA B 305 -9.70 17.61 -26.38
N VAL B 306 -9.03 17.17 -25.28
CA VAL B 306 -9.23 15.85 -24.71
C VAL B 306 -9.92 15.96 -23.36
N PHE B 307 -11.11 15.41 -23.22
CA PHE B 307 -11.83 15.70 -21.98
C PHE B 307 -11.30 15.17 -20.65
N MET B 308 -10.68 14.01 -20.67
CA MET B 308 -10.28 13.38 -19.44
C MET B 308 -8.84 13.03 -19.34
N ALA B 309 -8.12 13.80 -18.61
CA ALA B 309 -6.73 13.45 -18.42
C ALA B 309 -6.47 13.29 -16.93
N GLY B 310 -6.23 14.37 -16.21
CA GLY B 310 -6.02 14.26 -14.77
C GLY B 310 -7.27 13.73 -14.10
N ALA B 311 -8.39 14.27 -14.54
CA ALA B 311 -9.69 13.84 -14.08
C ALA B 311 -9.74 12.33 -13.79
N SER B 312 -9.33 11.57 -14.83
CA SER B 312 -9.28 10.11 -14.76
C SER B 312 -8.55 9.61 -13.52
N ILE B 313 -7.48 10.26 -13.23
CA ILE B 313 -6.73 9.88 -12.07
C ILE B 313 -7.50 10.18 -10.76
N GLN B 314 -7.97 11.40 -10.63
CA GLN B 314 -8.64 11.70 -9.44
C GLN B 314 -9.75 10.70 -9.35
N TRP B 315 -10.29 10.33 -10.50
CA TRP B 315 -11.30 9.28 -10.49
C TRP B 315 -10.78 7.95 -9.93
N LEU B 316 -9.62 7.61 -10.36
CA LEU B 316 -9.03 6.42 -9.85
C LEU B 316 -8.91 6.48 -8.37
N ARG B 317 -8.66 7.67 -7.98
CA ARG B 317 -8.31 7.89 -6.66
C ARG B 317 -9.39 8.04 -5.66
N ASP B 318 -10.40 8.73 -6.10
CA ASP B 318 -11.53 9.11 -5.29
C ASP B 318 -12.72 8.20 -5.39
N GLU B 319 -12.98 7.78 -6.57
CA GLU B 319 -14.18 7.03 -6.78
C GLU B 319 -13.95 5.56 -6.72
N MET B 320 -12.87 5.17 -7.37
CA MET B 320 -12.54 3.80 -7.45
C MET B 320 -11.70 3.52 -6.25
N LYS B 321 -11.17 4.63 -5.75
CA LYS B 321 -10.29 4.48 -4.62
C LYS B 321 -9.32 3.32 -4.84
N LEU B 322 -8.63 3.33 -5.95
CA LEU B 322 -7.67 2.29 -6.19
C LEU B 322 -6.25 2.83 -5.90
N ILE B 323 -6.22 4.14 -5.57
CA ILE B 323 -4.99 4.82 -5.21
C ILE B 323 -5.25 5.90 -4.22
N ASN B 324 -4.16 6.56 -3.89
CA ASN B 324 -4.18 7.72 -3.01
C ASN B 324 -3.12 8.77 -3.31
N ASP B 325 -2.66 9.34 -2.20
CA ASP B 325 -1.63 10.34 -2.21
C ASP B 325 -0.32 9.67 -1.81
N ALA B 326 -0.51 8.58 -1.07
CA ALA B 326 0.58 7.80 -0.55
C ALA B 326 1.11 6.84 -1.59
N TYR B 327 0.16 6.33 -2.37
CA TYR B 327 0.47 5.41 -3.43
C TYR B 327 -0.30 5.80 -4.62
N ASP B 328 0.38 6.33 -5.62
CA ASP B 328 -0.39 6.73 -6.77
C ASP B 328 -0.22 5.84 -8.01
N SER B 329 -0.90 6.32 -9.05
CA SER B 329 -0.92 5.72 -10.34
C SER B 329 0.43 5.08 -10.63
N GLU B 330 1.48 5.93 -10.71
CA GLU B 330 2.85 5.48 -11.00
C GLU B 330 3.17 4.26 -10.20
N TYR B 331 3.27 4.49 -8.90
CA TYR B 331 3.45 3.41 -8.02
C TYR B 331 2.97 2.10 -8.57
N PHE B 332 1.67 1.99 -8.66
CA PHE B 332 1.10 0.77 -9.09
C PHE B 332 1.29 0.50 -10.54
N ALA B 333 1.22 1.50 -11.30
CA ALA B 333 1.28 1.21 -12.71
C ALA B 333 2.53 0.43 -13.02
N THR B 334 3.64 0.96 -12.51
CA THR B 334 4.93 0.39 -12.75
C THR B 334 4.98 -0.98 -12.18
N LYS B 335 4.16 -1.22 -11.17
CA LYS B 335 4.11 -2.57 -10.62
C LYS B 335 3.95 -3.64 -11.70
N VAL B 336 3.56 -3.26 -12.92
CA VAL B 336 3.37 -4.21 -13.98
C VAL B 336 3.82 -3.64 -15.29
N GLN B 337 4.16 -4.59 -16.19
CA GLN B 337 4.75 -4.28 -17.49
C GLN B 337 3.78 -3.94 -18.56
N ASN B 338 2.48 -4.05 -18.23
CA ASN B 338 1.46 -3.70 -19.22
C ASN B 338 0.03 -3.87 -18.75
N THR B 339 -0.93 -3.29 -19.49
CA THR B 339 -2.36 -3.41 -19.25
C THR B 339 -2.83 -4.81 -19.10
N ASN B 340 -2.05 -5.73 -19.63
CA ASN B 340 -2.44 -7.12 -19.62
C ASN B 340 -3.58 -7.27 -20.57
N GLY B 341 -3.58 -6.39 -21.55
CA GLY B 341 -4.57 -6.44 -22.61
C GLY B 341 -5.75 -5.47 -22.46
N VAL B 342 -5.71 -4.74 -21.38
CA VAL B 342 -6.79 -3.88 -21.08
C VAL B 342 -6.74 -2.53 -21.73
N TYR B 343 -7.91 -2.00 -21.88
CA TYR B 343 -7.99 -0.70 -22.41
C TYR B 343 -9.01 0.03 -21.62
N VAL B 344 -8.79 1.34 -21.54
CA VAL B 344 -9.65 2.20 -20.83
C VAL B 344 -9.97 3.43 -21.64
N VAL B 345 -11.22 3.55 -22.01
CA VAL B 345 -11.66 4.66 -22.82
C VAL B 345 -12.41 5.68 -21.98
N PRO B 346 -11.69 6.74 -21.61
CA PRO B 346 -12.16 7.78 -20.73
C PRO B 346 -13.26 8.64 -21.27
N ALA B 347 -14.27 7.97 -21.80
CA ALA B 347 -15.44 8.68 -22.27
C ALA B 347 -16.33 9.11 -21.12
N PHE B 348 -15.74 9.24 -19.94
CA PHE B 348 -16.50 9.67 -18.82
C PHE B 348 -17.43 10.82 -19.11
N THR B 349 -17.10 11.59 -20.14
CA THR B 349 -17.92 12.73 -20.42
C THR B 349 -18.12 12.91 -21.92
N GLY B 350 -18.23 11.77 -22.61
CA GLY B 350 -18.39 11.73 -24.04
C GLY B 350 -16.99 11.78 -24.60
N LEU B 351 -16.84 12.11 -25.91
CA LEU B 351 -15.54 12.12 -26.50
C LEU B 351 -14.77 13.35 -26.83
N GLY B 352 -15.01 13.95 -27.93
CA GLY B 352 -14.03 15.04 -28.07
C GLY B 352 -12.99 14.82 -29.17
N ALA B 353 -12.04 15.74 -29.27
CA ALA B 353 -11.08 15.69 -30.36
C ALA B 353 -10.37 14.36 -30.47
N PRO B 354 -10.43 13.80 -31.64
CA PRO B 354 -11.08 14.34 -32.79
C PRO B 354 -12.42 13.70 -32.99
N TYR B 355 -12.67 12.70 -32.17
CA TYR B 355 -13.84 11.91 -32.28
C TYR B 355 -15.09 12.71 -32.13
N TRP B 356 -15.13 13.60 -31.14
CA TRP B 356 -16.34 14.40 -30.88
C TRP B 356 -17.67 13.60 -30.74
N ASP B 357 -17.80 12.86 -29.60
CA ASP B 357 -18.97 11.99 -29.39
C ASP B 357 -19.52 12.03 -27.98
N PRO B 358 -20.41 12.98 -27.81
CA PRO B 358 -21.12 13.29 -26.59
C PRO B 358 -21.93 12.11 -26.06
N TYR B 359 -22.01 11.01 -26.84
CA TYR B 359 -22.73 9.79 -26.46
C TYR B 359 -21.82 8.62 -26.12
N ALA B 360 -20.54 8.89 -26.13
CA ALA B 360 -19.59 7.88 -25.82
C ALA B 360 -19.48 7.98 -24.34
N ARG B 361 -19.20 6.85 -23.68
CA ARG B 361 -19.05 6.87 -22.22
C ARG B 361 -17.95 6.00 -21.67
N GLY B 362 -17.31 6.44 -20.62
CA GLY B 362 -16.22 5.66 -20.10
C GLY B 362 -16.36 4.13 -20.26
N ALA B 363 -15.28 3.48 -20.71
CA ALA B 363 -15.26 2.02 -20.80
C ALA B 363 -13.89 1.35 -20.63
N ILE B 364 -13.99 0.09 -20.21
CA ILE B 364 -12.86 -0.75 -20.03
C ILE B 364 -12.93 -1.99 -20.83
N PHE B 365 -11.85 -2.31 -21.53
CA PHE B 365 -11.89 -3.51 -22.33
C PHE B 365 -10.78 -4.49 -22.12
N GLY B 366 -11.11 -5.72 -22.44
CA GLY B 366 -10.16 -6.80 -22.42
C GLY B 366 -9.95 -7.47 -21.08
N LEU B 367 -11.01 -7.75 -20.37
CA LEU B 367 -10.82 -8.40 -19.11
C LEU B 367 -10.73 -9.92 -19.19
N THR B 368 -9.68 -10.31 -18.51
CA THR B 368 -9.22 -11.63 -18.27
C THR B 368 -9.22 -11.91 -16.82
N ARG B 369 -9.43 -13.15 -16.53
CA ARG B 369 -9.43 -13.57 -15.14
C ARG B 369 -8.27 -13.01 -14.36
N GLY B 370 -7.14 -12.76 -15.03
CA GLY B 370 -5.95 -12.34 -14.33
C GLY B 370 -5.68 -10.86 -14.26
N VAL B 371 -6.56 -10.04 -14.82
CA VAL B 371 -6.32 -8.63 -14.76
C VAL B 371 -6.46 -8.15 -13.36
N ASN B 372 -5.53 -7.31 -12.96
CA ASN B 372 -5.54 -6.76 -11.64
C ASN B 372 -5.65 -5.22 -11.64
N ALA B 373 -5.80 -4.72 -10.44
CA ALA B 373 -5.97 -3.32 -10.38
C ALA B 373 -4.83 -2.62 -11.04
N ASN B 374 -3.64 -3.17 -10.85
CA ASN B 374 -2.48 -2.50 -11.43
C ASN B 374 -2.70 -2.34 -12.92
N HIS B 375 -3.05 -3.46 -13.55
CA HIS B 375 -3.37 -3.37 -14.94
C HIS B 375 -4.28 -2.27 -15.19
N ILE B 376 -5.44 -2.29 -14.52
CA ILE B 376 -6.41 -1.22 -14.68
C ILE B 376 -5.82 0.18 -14.52
N ILE B 377 -5.18 0.41 -13.40
CA ILE B 377 -4.55 1.71 -13.20
C ILE B 377 -3.67 2.17 -14.35
N ARG B 378 -2.83 1.25 -14.80
CA ARG B 378 -1.89 1.54 -15.86
C ARG B 378 -2.65 1.95 -17.12
N ALA B 379 -3.65 1.11 -17.42
CA ALA B 379 -4.53 1.30 -18.56
C ALA B 379 -5.14 2.71 -18.54
N THR B 380 -5.46 3.10 -17.31
CA THR B 380 -6.08 4.38 -17.13
C THR B 380 -5.12 5.42 -17.55
N LEU B 381 -3.93 5.37 -16.95
CA LEU B 381 -2.84 6.25 -17.33
C LEU B 381 -2.58 6.24 -18.85
N GLU B 382 -2.59 5.05 -19.39
CA GLU B 382 -2.25 5.02 -20.77
C GLU B 382 -3.18 5.83 -21.64
N SER B 383 -4.44 5.72 -21.34
CA SER B 383 -5.45 6.39 -22.12
C SER B 383 -5.02 7.80 -22.49
N ILE B 384 -4.41 8.46 -21.50
CA ILE B 384 -3.91 9.79 -21.68
C ILE B 384 -3.03 9.99 -22.90
N ALA B 385 -1.99 9.18 -22.92
CA ALA B 385 -1.08 9.22 -23.99
C ALA B 385 -1.82 8.94 -25.30
N TYR B 386 -2.60 7.84 -25.31
CA TYR B 386 -3.35 7.50 -26.52
C TYR B 386 -4.09 8.67 -27.11
N GLN B 387 -4.88 9.23 -26.23
CA GLN B 387 -5.62 10.36 -26.65
C GLN B 387 -4.67 11.38 -27.21
N THR B 388 -3.66 11.66 -26.45
CA THR B 388 -2.63 12.58 -26.88
C THR B 388 -2.27 12.33 -28.34
N ARG B 389 -1.80 11.13 -28.59
CA ARG B 389 -1.46 10.76 -29.93
C ARG B 389 -2.59 11.09 -30.87
N ASP B 390 -3.76 10.54 -30.61
CA ASP B 390 -4.78 10.88 -31.55
C ASP B 390 -4.76 12.37 -31.86
N VAL B 391 -4.77 13.21 -30.87
CA VAL B 391 -4.81 14.56 -31.36
C VAL B 391 -3.50 15.04 -31.94
N LEU B 392 -2.39 14.59 -31.38
CA LEU B 392 -1.14 15.04 -31.97
C LEU B 392 -1.07 14.75 -33.46
N GLU B 393 -1.52 13.56 -33.80
CA GLU B 393 -1.40 13.14 -35.17
C GLU B 393 -2.32 13.94 -36.11
N ALA B 394 -3.43 14.41 -35.61
CA ALA B 394 -4.28 15.21 -36.45
C ALA B 394 -3.52 16.47 -36.78
N MET B 395 -3.12 17.08 -35.71
CA MET B 395 -2.42 18.32 -35.72
C MET B 395 -1.25 18.37 -36.67
N GLN B 396 -0.42 17.33 -36.64
CA GLN B 396 0.72 17.33 -37.56
C GLN B 396 0.17 17.46 -38.97
N ALA B 397 -0.75 16.58 -39.24
CA ALA B 397 -1.42 16.54 -40.50
C ALA B 397 -2.22 17.77 -40.80
N ASP B 398 -2.73 18.35 -39.76
CA ASP B 398 -3.51 19.52 -39.99
C ASP B 398 -2.53 20.59 -40.39
N SER B 399 -1.50 20.68 -39.55
CA SER B 399 -0.45 21.67 -39.60
C SER B 399 0.62 21.46 -40.63
N GLY B 400 0.72 20.21 -41.09
CA GLY B 400 1.73 19.82 -42.04
C GLY B 400 3.13 19.90 -41.45
N ILE B 401 3.22 19.51 -40.24
CA ILE B 401 4.45 19.53 -39.54
C ILE B 401 4.70 18.36 -38.70
N ARG B 402 5.94 17.97 -38.60
CA ARG B 402 6.23 16.94 -37.68
C ARG B 402 6.82 17.57 -36.45
N LEU B 403 6.24 17.26 -35.33
CA LEU B 403 6.78 17.81 -34.12
C LEU B 403 8.03 17.06 -33.82
N HIS B 404 9.09 17.77 -33.45
CA HIS B 404 10.38 17.17 -33.12
C HIS B 404 10.46 16.68 -31.70
N ALA B 405 9.69 17.37 -30.88
CA ALA B 405 9.57 17.05 -29.49
C ALA B 405 8.32 17.65 -28.99
N LEU B 406 7.66 16.95 -28.08
CA LEU B 406 6.44 17.51 -27.50
C LEU B 406 6.72 18.28 -26.25
N ARG B 407 6.30 19.52 -26.24
CA ARG B 407 6.44 20.24 -25.01
C ARG B 407 5.17 20.13 -24.20
N VAL B 408 5.32 19.59 -23.03
CA VAL B 408 4.15 19.44 -22.23
C VAL B 408 4.22 20.24 -20.97
N ASP B 409 3.11 20.24 -20.29
CA ASP B 409 3.02 20.93 -19.02
C ASP B 409 1.76 20.44 -18.38
N GLY B 410 1.52 20.90 -17.17
CA GLY B 410 0.39 20.40 -16.46
C GLY B 410 0.88 19.42 -15.41
N GLY B 411 0.10 19.26 -14.33
CA GLY B 411 0.53 18.43 -13.20
C GLY B 411 0.98 17.00 -13.53
N ALA B 412 0.17 16.36 -14.32
CA ALA B 412 0.44 14.99 -14.69
C ALA B 412 1.87 14.77 -15.21
N VAL B 413 2.43 15.78 -15.86
CA VAL B 413 3.75 15.65 -16.45
C VAL B 413 4.70 15.14 -15.39
N ALA B 414 4.35 15.38 -14.17
CA ALA B 414 5.17 14.94 -13.12
C ALA B 414 5.17 13.45 -13.01
N ASN B 415 4.22 12.83 -13.64
CA ASN B 415 4.19 11.38 -13.60
C ASN B 415 5.11 10.87 -14.69
N ASN B 416 6.13 10.23 -14.19
CA ASN B 416 7.15 9.82 -15.06
C ASN B 416 6.69 8.70 -15.94
N PHE B 417 6.01 7.79 -15.32
CA PHE B 417 5.48 6.71 -16.12
C PHE B 417 4.80 7.25 -17.37
N LEU B 418 3.81 8.04 -17.07
CA LEU B 418 3.07 8.68 -18.08
C LEU B 418 3.94 9.31 -19.16
N MET B 419 4.86 10.13 -18.69
CA MET B 419 5.70 10.81 -19.64
C MET B 419 6.43 9.79 -20.50
N GLN B 420 6.99 8.73 -19.90
CA GLN B 420 7.68 7.82 -20.81
C GLN B 420 6.77 7.18 -21.82
N PHE B 421 5.72 6.58 -21.28
CA PHE B 421 4.73 5.95 -22.11
C PHE B 421 4.31 6.91 -23.22
N GLN B 422 3.90 8.12 -22.80
CA GLN B 422 3.54 9.16 -23.73
C GLN B 422 4.49 9.21 -24.88
N SER B 423 5.76 9.38 -24.53
CA SER B 423 6.75 9.42 -25.55
C SER B 423 6.78 8.10 -26.30
N ASP B 424 6.91 6.99 -25.58
CA ASP B 424 6.99 5.70 -26.23
C ASP B 424 6.07 5.55 -27.42
N ILE B 425 4.85 5.65 -27.01
CA ILE B 425 3.71 5.54 -27.85
C ILE B 425 3.69 6.58 -28.94
N LEU B 426 4.11 7.75 -28.56
CA LEU B 426 4.18 8.84 -29.48
C LEU B 426 5.23 8.57 -30.54
N GLY B 427 6.31 8.00 -30.04
CA GLY B 427 7.51 7.77 -30.78
C GLY B 427 8.17 9.14 -30.85
N THR B 428 7.90 9.91 -29.82
CA THR B 428 8.41 11.25 -29.76
C THR B 428 8.95 11.68 -28.43
N ARG B 429 10.01 12.44 -28.56
CA ARG B 429 10.67 12.96 -27.41
C ARG B 429 9.79 13.94 -26.71
N VAL B 430 9.69 13.73 -25.41
CA VAL B 430 8.87 14.61 -24.58
C VAL B 430 9.65 15.55 -23.68
N GLU B 431 9.41 16.85 -23.89
CA GLU B 431 10.02 17.96 -23.19
C GLU B 431 9.36 18.35 -21.86
N ARG B 432 9.85 17.80 -20.75
CA ARG B 432 9.25 18.16 -19.46
C ARG B 432 9.98 19.31 -18.81
N PRO B 433 9.19 20.29 -18.46
CA PRO B 433 9.69 21.49 -17.87
C PRO B 433 9.70 21.42 -16.36
N GLU B 434 10.46 22.40 -15.83
CA GLU B 434 10.64 22.62 -14.40
C GLU B 434 9.34 23.06 -13.78
N VAL B 435 8.79 24.20 -14.30
CA VAL B 435 7.52 24.80 -13.86
C VAL B 435 6.32 24.43 -14.73
N ARG B 436 5.45 23.58 -14.19
CA ARG B 436 4.31 23.09 -14.91
C ARG B 436 3.06 23.96 -14.88
N GLU B 437 3.15 25.05 -14.14
CA GLU B 437 2.07 26.01 -13.95
C GLU B 437 2.09 27.09 -15.01
N VAL B 438 2.56 26.67 -16.17
CA VAL B 438 2.72 27.54 -17.30
C VAL B 438 1.47 28.35 -17.53
N THR B 439 0.36 27.72 -17.16
CA THR B 439 -0.91 28.40 -17.26
C THR B 439 -0.87 29.75 -16.57
N ALA B 440 -0.56 29.67 -15.28
CA ALA B 440 -0.44 30.83 -14.44
C ALA B 440 0.60 31.76 -15.00
N LEU B 441 1.59 31.14 -15.53
CA LEU B 441 2.62 31.92 -16.08
C LEU B 441 2.11 32.86 -17.12
N GLY B 442 1.61 32.26 -18.16
CA GLY B 442 1.09 33.04 -19.23
C GLY B 442 0.27 34.22 -18.72
N ALA B 443 -0.57 33.92 -17.75
CA ALA B 443 -1.38 34.99 -17.26
C ALA B 443 -0.52 36.14 -16.74
N ALA B 444 0.37 35.81 -15.77
CA ALA B 444 1.27 36.81 -15.22
C ALA B 444 1.74 37.69 -16.36
N TYR B 445 2.42 37.04 -17.31
CA TYR B 445 2.84 37.65 -18.57
C TYR B 445 1.82 38.64 -19.05
N LEU B 446 0.76 38.12 -19.67
CA LEU B 446 -0.27 39.05 -20.09
C LEU B 446 -0.37 40.25 -19.20
N ALA B 447 -1.04 40.07 -18.08
CA ALA B 447 -1.22 41.17 -17.17
C ALA B 447 0.04 41.96 -16.93
N GLY B 448 1.09 41.25 -16.59
CA GLY B 448 2.33 41.94 -16.34
C GLY B 448 2.67 42.89 -17.49
N LEU B 449 2.71 42.25 -18.67
CA LEU B 449 2.92 42.89 -19.95
C LEU B 449 2.27 44.23 -19.99
N ALA B 450 0.96 44.07 -19.99
CA ALA B 450 -0.06 45.07 -20.01
C ALA B 450 0.25 46.25 -19.07
N VAL B 451 1.16 46.04 -18.12
CA VAL B 451 1.48 47.09 -17.14
C VAL B 451 2.98 47.42 -17.14
N GLY B 452 3.70 46.87 -18.07
CA GLY B 452 5.08 47.22 -18.08
C GLY B 452 5.91 46.41 -17.11
N PHE B 453 5.27 45.69 -16.16
CA PHE B 453 6.11 44.89 -15.26
C PHE B 453 7.27 44.30 -16.12
N TRP B 454 6.91 43.78 -17.28
CA TRP B 454 7.88 43.33 -18.23
C TRP B 454 7.64 44.12 -19.52
N GLN B 455 8.69 44.20 -20.32
CA GLN B 455 8.67 44.89 -21.59
C GLN B 455 8.45 43.98 -22.77
N ASN B 456 8.71 42.68 -22.57
CA ASN B 456 8.56 41.72 -23.64
C ASN B 456 8.90 40.31 -23.28
N LEU B 457 8.40 39.41 -24.07
CA LEU B 457 8.72 38.04 -23.87
C LEU B 457 10.20 37.83 -23.76
N ASP B 458 10.86 38.51 -24.67
CA ASP B 458 12.29 38.45 -24.79
C ASP B 458 12.89 38.29 -23.43
N GLU B 459 12.36 39.07 -22.48
CA GLU B 459 12.84 38.98 -21.14
C GLU B 459 12.73 37.59 -20.49
N LEU B 460 11.60 36.93 -20.72
CA LEU B 460 11.34 35.63 -20.16
C LEU B 460 11.83 34.46 -20.97
N GLN B 461 12.38 34.72 -22.14
CA GLN B 461 12.82 33.60 -22.94
C GLN B 461 13.65 32.57 -22.21
N GLU B 462 14.51 33.09 -21.35
CA GLU B 462 15.41 32.20 -20.66
C GLU B 462 14.81 31.48 -19.47
N LYS B 463 13.72 32.05 -18.99
CA LYS B 463 13.03 31.58 -17.80
C LYS B 463 12.67 30.10 -17.81
N ALA B 464 12.22 29.66 -18.96
CA ALA B 464 11.82 28.30 -19.15
C ALA B 464 12.94 27.26 -18.85
N VAL B 465 12.55 26.03 -18.46
CA VAL B 465 13.51 24.94 -18.16
C VAL B 465 13.08 23.48 -18.32
N ILE B 466 13.70 22.79 -19.29
CA ILE B 466 13.44 21.38 -19.47
C ILE B 466 13.97 20.60 -18.32
N GLU B 467 13.09 20.31 -17.36
CA GLU B 467 13.54 19.56 -16.20
C GLU B 467 13.86 18.14 -16.59
N ARG B 468 13.38 17.73 -17.77
CA ARG B 468 13.71 16.41 -18.24
C ARG B 468 13.12 15.99 -19.56
N GLU B 469 13.86 15.17 -20.32
CA GLU B 469 13.28 14.70 -21.55
C GLU B 469 13.18 13.22 -21.57
N PHE B 470 12.12 12.78 -22.23
CA PHE B 470 11.86 11.38 -22.35
C PHE B 470 11.95 11.03 -23.77
N ARG B 471 12.75 10.03 -24.02
CA ARG B 471 12.88 9.56 -25.37
C ARG B 471 12.13 8.27 -25.57
N PRO B 472 11.68 8.04 -26.81
CA PRO B 472 11.03 6.79 -27.13
C PRO B 472 11.95 5.61 -26.81
N GLY B 473 11.38 4.42 -26.66
CA GLY B 473 12.09 3.16 -26.34
C GLY B 473 11.26 1.93 -26.76
N ILE B 474 10.23 2.30 -27.55
CA ILE B 474 9.22 1.46 -28.11
C ILE B 474 9.14 1.74 -29.58
N GLU B 475 9.25 0.60 -30.27
CA GLU B 475 9.30 0.47 -31.70
C GLU B 475 7.97 0.54 -32.40
N THR B 476 8.09 1.04 -33.65
CA THR B 476 7.04 1.26 -34.64
C THR B 476 5.98 0.20 -34.51
N THR B 477 6.34 -0.99 -34.97
CA THR B 477 5.46 -2.12 -34.75
C THR B 477 5.45 -2.17 -33.24
N GLU B 478 4.29 -2.41 -32.63
CA GLU B 478 4.12 -2.40 -31.18
C GLU B 478 3.63 -1.01 -30.85
N ARG B 479 4.50 -0.02 -30.93
CA ARG B 479 3.95 1.31 -30.74
C ARG B 479 2.64 1.45 -31.54
N ASN B 480 2.67 0.95 -32.79
CA ASN B 480 1.52 1.00 -33.67
C ASN B 480 0.61 -0.17 -33.32
N TYR B 481 1.20 -1.29 -33.09
CA TYR B 481 0.43 -2.39 -32.62
C TYR B 481 -0.51 -2.06 -31.51
N ARG B 482 0.08 -1.44 -30.50
CA ARG B 482 -0.67 -1.06 -29.31
C ARG B 482 -1.81 -0.11 -29.66
N TYR B 483 -1.45 1.01 -30.32
CA TYR B 483 -2.39 2.05 -30.74
C TYR B 483 -3.63 1.45 -31.38
N ALA B 484 -3.44 0.40 -32.21
CA ALA B 484 -4.57 -0.30 -32.76
C ALA B 484 -5.63 -0.65 -31.74
N GLY B 485 -5.15 -1.40 -30.75
CA GLY B 485 -6.03 -1.82 -29.69
C GLY B 485 -6.86 -0.66 -29.24
N TRP B 486 -6.17 0.42 -28.96
CA TRP B 486 -6.83 1.57 -28.43
C TRP B 486 -7.88 2.13 -29.34
N LYS B 487 -7.58 2.02 -30.58
CA LYS B 487 -8.51 2.57 -31.49
C LYS B 487 -9.73 1.68 -31.63
N LYS B 488 -9.55 0.40 -31.26
CA LYS B 488 -10.64 -0.55 -31.31
C LYS B 488 -11.50 -0.27 -30.09
N ALA B 489 -10.85 -0.31 -28.96
CA ALA B 489 -11.50 -0.02 -27.73
C ALA B 489 -12.39 1.20 -27.90
N VAL B 490 -11.79 2.24 -28.43
CA VAL B 490 -12.53 3.46 -28.65
C VAL B 490 -13.85 3.24 -29.36
N LYS B 491 -13.76 2.77 -30.55
CA LYS B 491 -14.96 2.51 -31.26
C LYS B 491 -16.07 1.95 -30.39
N ARG B 492 -15.66 0.96 -29.63
CA ARG B 492 -16.57 0.23 -28.80
C ARG B 492 -17.27 1.14 -27.81
N ALA B 493 -16.63 2.20 -27.41
CA ALA B 493 -17.27 3.03 -26.43
C ALA B 493 -18.22 4.06 -27.00
N MET B 494 -18.17 4.22 -28.31
CA MET B 494 -18.90 5.32 -28.90
C MET B 494 -20.37 5.10 -29.02
N ALA B 495 -21.05 6.22 -29.01
CA ALA B 495 -22.48 6.18 -29.17
C ALA B 495 -23.16 5.18 -28.28
N TRP B 496 -22.75 5.12 -27.03
CA TRP B 496 -23.36 4.22 -26.10
C TRP B 496 -24.65 4.79 -25.63
N GLU B 497 -24.55 6.03 -25.22
CA GLU B 497 -25.67 6.74 -24.70
C GLU B 497 -26.86 6.88 -25.57
N GLU B 498 -27.96 6.57 -24.88
CA GLU B 498 -29.29 6.62 -25.43
C GLU B 498 -29.68 8.03 -25.78
N HIS B 499 -29.88 8.23 -27.07
CA HIS B 499 -30.32 9.50 -27.56
C HIS B 499 -31.62 9.88 -26.83
N1 EPE C . 3.67 -45.36 31.89
C2 EPE C . 2.57 -45.14 32.88
C3 EPE C . 1.18 -45.53 32.37
N4 EPE C . 0.82 -45.10 30.99
C5 EPE C . 1.92 -45.45 30.01
C6 EPE C . 3.31 -44.93 30.50
C7 EPE C . -0.55 -45.54 30.52
C8 EPE C . -0.46 -46.24 29.16
O8 EPE C . -0.50 -45.46 28.00
C9 EPE C . 4.99 -44.76 32.34
C10 EPE C . 6.13 -45.43 31.56
S EPE C . 7.76 -44.75 32.02
O1S EPE C . 8.75 -45.48 31.23
O2S EPE C . 7.88 -44.57 33.45
O3S EPE C . 7.79 -43.26 31.25
C1 GOL D . 7.26 -23.12 22.25
O1 GOL D . 7.66 -23.76 23.47
C2 GOL D . 7.86 -23.76 20.95
O2 GOL D . 7.83 -25.15 21.02
C3 GOL D . 7.05 -23.37 19.70
O3 GOL D . 7.86 -23.13 18.53
C1 GOL E . -11.66 23.30 -20.67
O1 GOL E . -11.98 23.66 -21.98
C2 GOL E . -10.19 23.63 -20.37
O2 GOL E . -9.93 25.03 -20.50
C3 GOL E . -9.82 23.11 -18.97
O3 GOL E . -8.46 23.34 -18.63
#